data_5ZOJ
#
_entry.id   5ZOJ
#
_cell.length_a   176.813
_cell.length_b   176.813
_cell.length_c   73.854
_cell.angle_alpha   90.000
_cell.angle_beta   90.000
_cell.angle_gamma   120.000
#
_symmetry.space_group_name_H-M   'P 65'
#
loop_
_entity.id
_entity.type
_entity.pdbx_description
1 polymer 'Mothers against decapentaplegic homolog 2'
2 polymer 'Inner nuclear membrane protein Man1'
#
loop_
_entity_poly.entity_id
_entity_poly.type
_entity_poly.pdbx_seq_one_letter_code
_entity_poly.pdbx_strand_id
1 'polypeptide(L)'
;GPGDLQPVTYSEPAFWCSIAYYELNQRVGETFHASQPSLTVDGFTDPSNSERFCLGLLSNVNRNATVEMTRRHIGRGVRL
YYIGGEVFAECLSDSAIFVQSPNCNQRYGWHPATVCKIPPGCNLKIFNNQEFAALLAQSVNQGFEAVYQLTRMCTIRMSF
VKGWGAEYRRQTVTSTPCWIELHLNGPLQWLDKVLTQMGS
;
A,B,C
2 'polypeptide(L)'
;GPGSKVWQGQAFHLDRRNSPPNSLTPCLKIRNMFDPVMEIGDQWHLAIQEAILEKCSDNDGIVHIAVDKNSREGCVYVKC
LSPEYAGKAFKALHGSWFDGKLVTVKYLRLDRYHHRFPQALTSNTPLKPSNK
;
D,E
#
# COMPACT_ATOMS: atom_id res chain seq x y z
N GLU A 12 8.81 12.31 -20.94
CA GLU A 12 10.15 11.82 -21.25
C GLU A 12 10.44 10.47 -20.56
N PRO A 13 10.06 10.29 -19.28
CA PRO A 13 10.09 8.94 -18.71
C PRO A 13 8.79 8.20 -19.01
N ALA A 14 8.70 6.94 -18.59
CA ALA A 14 7.51 6.16 -18.89
C ALA A 14 6.32 6.62 -18.06
N PHE A 15 6.55 6.96 -16.79
CA PHE A 15 5.50 7.40 -15.89
C PHE A 15 5.72 8.86 -15.52
N TRP A 16 4.74 9.71 -15.84
CA TRP A 16 4.92 11.14 -15.59
C TRP A 16 4.92 11.48 -14.11
N CYS A 17 4.40 10.60 -13.26
CA CYS A 17 4.42 10.84 -11.82
C CYS A 17 4.32 9.52 -11.09
N SER A 18 4.79 9.52 -9.83
CA SER A 18 4.66 8.38 -8.94
C SER A 18 4.08 8.86 -7.62
N ILE A 19 3.14 8.09 -7.08
CA ILE A 19 2.37 8.49 -5.91
C ILE A 19 2.57 7.45 -4.81
N ALA A 20 2.82 7.92 -3.60
CA ALA A 20 2.95 7.08 -2.41
C ALA A 20 1.89 7.51 -1.41
N TYR A 21 1.13 6.54 -0.89
CA TYR A 21 0.02 6.80 0.00
C TYR A 21 0.44 6.54 1.43
N TYR A 22 0.04 7.43 2.33
CA TYR A 22 0.44 7.37 3.73
C TYR A 22 -0.78 7.38 4.62
N GLU A 23 -0.60 6.88 5.84
CA GLU A 23 -1.59 6.97 6.91
C GLU A 23 -0.86 7.41 8.17
N LEU A 24 -1.10 8.64 8.60
CA LEU A 24 -0.30 9.29 9.65
C LEU A 24 1.15 9.26 9.19
N ASN A 25 2.07 8.64 9.93
CA ASN A 25 3.48 8.62 9.55
C ASN A 25 3.92 7.26 9.01
N GLN A 26 3.00 6.43 8.55
CA GLN A 26 3.33 5.12 8.01
C GLN A 26 2.85 5.03 6.57
N ARG A 27 3.72 4.53 5.69
CA ARG A 27 3.36 4.30 4.30
C ARG A 27 2.47 3.06 4.20
N VAL A 28 1.53 3.10 3.24
CA VAL A 28 0.55 2.04 3.08
C VAL A 28 0.44 1.71 1.59
N GLY A 29 0.59 0.43 1.27
CA GLY A 29 0.45 -0.04 -0.09
C GLY A 29 1.70 0.20 -0.93
N GLU A 30 1.66 -0.32 -2.16
CA GLU A 30 2.74 -0.14 -3.09
C GLU A 30 2.70 1.24 -3.72
N THR A 31 3.76 1.59 -4.44
CA THR A 31 3.83 2.87 -5.13
C THR A 31 3.04 2.80 -6.44
N PHE A 32 2.22 3.81 -6.67
CA PHE A 32 1.45 3.90 -7.91
C PHE A 32 2.22 4.73 -8.92
N HIS A 33 2.32 4.23 -10.15
CA HIS A 33 3.01 4.91 -11.24
C HIS A 33 2.00 5.24 -12.33
N ALA A 34 1.89 6.51 -12.66
CA ALA A 34 0.86 6.99 -13.58
C ALA A 34 1.31 6.71 -15.01
N SER A 35 0.62 5.79 -15.68
CA SER A 35 0.93 5.44 -17.06
C SER A 35 0.23 6.32 -18.08
N GLN A 36 -0.85 6.99 -17.69
CA GLN A 36 -1.68 7.78 -18.58
C GLN A 36 -1.70 9.24 -18.14
N PRO A 37 -2.07 10.17 -19.03
CA PRO A 37 -2.04 11.59 -18.65
C PRO A 37 -3.00 11.95 -17.53
N SER A 38 -4.13 11.26 -17.41
CA SER A 38 -5.12 11.55 -16.38
C SER A 38 -5.16 10.40 -15.37
N LEU A 39 -5.46 10.74 -14.13
CA LEU A 39 -5.40 9.76 -13.04
C LEU A 39 -6.36 10.17 -11.94
N THR A 40 -6.92 9.17 -11.26
CA THR A 40 -7.82 9.38 -10.13
C THR A 40 -7.34 8.55 -8.95
N VAL A 41 -7.34 9.18 -7.77
CA VAL A 41 -7.02 8.51 -6.51
C VAL A 41 -8.30 8.50 -5.69
N ASP A 42 -8.95 7.34 -5.61
CA ASP A 42 -10.22 7.22 -4.90
C ASP A 42 -10.06 6.22 -3.75
N GLY A 43 -11.15 6.06 -2.99
CA GLY A 43 -11.13 5.17 -1.85
C GLY A 43 -11.87 3.87 -2.12
N PHE A 44 -11.99 3.49 -3.39
CA PHE A 44 -12.71 2.28 -3.75
C PHE A 44 -11.70 1.13 -3.87
N THR A 45 -12.07 0.03 -4.55
CA THR A 45 -11.33 -1.23 -4.39
C THR A 45 -11.05 -1.90 -5.73
N ASP A 46 -10.77 -1.13 -6.79
CA ASP A 46 -10.36 -1.73 -8.05
C ASP A 46 -8.84 -1.91 -8.05
N PRO A 47 -8.32 -3.14 -8.08
CA PRO A 47 -6.88 -3.34 -7.98
C PRO A 47 -6.12 -3.37 -9.30
N SER A 48 -6.79 -3.37 -10.45
CA SER A 48 -6.13 -3.55 -11.73
C SER A 48 -6.69 -2.59 -12.77
N ASN A 49 -6.75 -1.31 -12.43
CA ASN A 49 -7.09 -0.26 -13.38
C ASN A 49 -5.93 0.75 -13.40
N SER A 50 -5.32 0.91 -14.57
CA SER A 50 -4.16 1.81 -14.69
C SER A 50 -4.55 3.28 -14.57
N GLU A 51 -5.84 3.60 -14.46
CA GLU A 51 -6.29 4.98 -14.38
C GLU A 51 -6.78 5.34 -12.97
N ARG A 52 -6.97 4.37 -12.09
CA ARG A 52 -7.45 4.61 -10.74
C ARG A 52 -6.45 4.06 -9.73
N PHE A 53 -6.11 4.88 -8.73
CA PHE A 53 -5.29 4.47 -7.60
C PHE A 53 -6.26 4.29 -6.43
N CYS A 54 -6.71 3.05 -6.24
CA CYS A 54 -7.77 2.75 -5.28
C CYS A 54 -7.15 2.51 -3.91
N LEU A 55 -7.54 3.32 -2.94
CA LEU A 55 -7.00 3.24 -1.58
C LEU A 55 -7.83 2.38 -0.66
N GLY A 56 -9.09 2.09 -1.03
CA GLY A 56 -9.96 1.31 -0.16
C GLY A 56 -9.57 -0.14 -0.01
N LEU A 57 -8.75 -0.67 -0.93
CA LEU A 57 -8.30 -2.04 -0.84
C LEU A 57 -7.02 -2.19 -0.04
N LEU A 58 -6.29 -1.11 0.20
CA LEU A 58 -5.02 -1.19 0.88
C LEU A 58 -5.23 -1.44 2.37
N SER A 59 -4.54 -2.44 2.90
CA SER A 59 -4.63 -2.80 4.31
C SER A 59 -3.59 -2.05 5.13
N ASN A 60 -3.85 -1.97 6.44
CA ASN A 60 -2.91 -1.38 7.38
C ASN A 60 -3.27 -1.93 8.76
N VAL A 61 -2.44 -2.84 9.28
CA VAL A 61 -2.76 -3.49 10.55
C VAL A 61 -2.59 -2.58 11.75
N ASN A 62 -2.02 -1.39 11.57
CA ASN A 62 -1.92 -0.40 12.63
C ASN A 62 -2.92 0.73 12.44
N ARG A 63 -3.89 0.56 11.55
CA ARG A 63 -4.88 1.60 11.29
C ARG A 63 -5.78 1.80 12.49
N ASN A 64 -5.97 3.05 12.88
CA ASN A 64 -6.83 3.43 13.99
C ASN A 64 -8.18 3.91 13.49
N ALA A 65 -9.07 4.24 14.43
CA ALA A 65 -10.44 4.59 14.09
C ALA A 65 -10.53 5.90 13.30
N THR A 66 -9.79 6.93 13.69
CA THR A 66 -9.89 8.20 12.96
C THR A 66 -9.50 8.02 11.50
N VAL A 67 -8.46 7.21 11.23
CA VAL A 67 -8.12 6.90 9.85
C VAL A 67 -9.26 6.11 9.19
N GLU A 68 -9.84 5.16 9.93
CA GLU A 68 -10.97 4.39 9.40
C GLU A 68 -12.12 5.29 9.00
N MET A 69 -12.46 6.26 9.84
CA MET A 69 -13.55 7.17 9.50
C MET A 69 -13.19 8.03 8.30
N THR A 70 -11.97 8.56 8.26
CA THR A 70 -11.54 9.43 7.17
C THR A 70 -11.59 8.69 5.83
N ARG A 71 -11.28 7.40 5.82
CA ARG A 71 -11.26 6.65 4.58
C ARG A 71 -12.66 6.45 3.99
N ARG A 72 -13.71 6.51 4.81
CA ARG A 72 -15.05 6.41 4.25
C ARG A 72 -15.47 7.64 3.45
N HIS A 73 -14.86 8.79 3.72
CA HIS A 73 -15.20 10.05 3.08
C HIS A 73 -14.30 10.42 1.92
N ILE A 74 -13.31 9.59 1.59
CA ILE A 74 -12.49 9.85 0.40
C ILE A 74 -13.37 9.81 -0.85
N GLY A 75 -14.22 8.78 -0.96
CA GLY A 75 -15.15 8.70 -2.08
C GLY A 75 -14.43 8.65 -3.40
N ARG A 76 -14.93 9.43 -4.37
CA ARG A 76 -14.32 9.48 -5.69
C ARG A 76 -12.93 10.10 -5.65
N GLY A 77 -12.60 10.84 -4.60
CA GLY A 77 -11.23 11.26 -4.37
C GLY A 77 -10.78 12.46 -5.18
N VAL A 78 -9.56 12.40 -5.70
CA VAL A 78 -8.94 13.49 -6.43
C VAL A 78 -8.62 13.02 -7.84
N ARG A 79 -8.75 13.91 -8.81
CA ARG A 79 -8.38 13.67 -10.19
C ARG A 79 -7.10 14.43 -10.50
N LEU A 80 -6.09 13.73 -11.01
CA LEU A 80 -4.83 14.33 -11.39
C LEU A 80 -4.59 14.06 -12.87
N TYR A 81 -4.48 15.12 -13.66
CA TYR A 81 -4.25 14.99 -15.09
C TYR A 81 -3.18 15.96 -15.53
N TYR A 82 -2.41 15.53 -16.53
CA TYR A 82 -1.20 16.22 -17.00
C TYR A 82 -1.38 16.54 -18.48
N ILE A 83 -1.60 17.82 -18.79
CA ILE A 83 -1.87 18.25 -20.15
C ILE A 83 -1.16 19.58 -20.42
N GLY A 84 -0.63 19.73 -21.62
CA GLY A 84 0.03 20.97 -22.02
C GLY A 84 1.15 21.41 -21.11
N GLY A 85 1.95 20.47 -20.64
CA GLY A 85 3.02 20.79 -19.72
C GLY A 85 2.56 21.28 -18.37
N GLU A 86 1.30 21.05 -18.03
CA GLU A 86 0.74 21.45 -16.74
C GLU A 86 -0.08 20.30 -16.17
N VAL A 87 -0.04 20.15 -14.85
CA VAL A 87 -0.80 19.11 -14.15
C VAL A 87 -1.77 19.81 -13.21
N PHE A 88 -2.99 19.28 -13.15
CA PHE A 88 -4.07 19.89 -12.39
C PHE A 88 -4.64 18.88 -11.39
N ALA A 89 -5.14 19.40 -10.28
CA ALA A 89 -5.80 18.60 -9.26
C ALA A 89 -7.23 19.09 -9.11
N GLU A 90 -8.19 18.17 -9.29
CA GLU A 90 -9.61 18.50 -9.20
C GLU A 90 -10.25 17.59 -8.17
N CYS A 91 -10.94 18.20 -7.20
CA CYS A 91 -11.53 17.47 -6.09
C CYS A 91 -12.87 16.89 -6.51
N LEU A 92 -12.92 15.57 -6.72
CA LEU A 92 -14.17 14.87 -7.02
C LEU A 92 -14.85 14.34 -5.77
N SER A 93 -14.16 14.32 -4.63
CA SER A 93 -14.75 13.86 -3.39
C SER A 93 -15.85 14.79 -2.91
N ASP A 94 -16.69 14.27 -2.01
CA ASP A 94 -17.64 15.12 -1.31
C ASP A 94 -17.01 15.84 -0.13
N SER A 95 -15.79 15.47 0.25
CA SER A 95 -15.00 16.19 1.23
C SER A 95 -13.84 16.88 0.52
N ALA A 96 -13.27 17.88 1.19
CA ALA A 96 -12.23 18.68 0.58
C ALA A 96 -10.88 17.95 0.61
N ILE A 97 -10.01 18.36 -0.30
CA ILE A 97 -8.61 17.92 -0.32
C ILE A 97 -7.74 19.15 -0.08
N PHE A 98 -6.53 18.90 0.44
CA PHE A 98 -5.63 19.96 0.86
C PHE A 98 -4.26 19.72 0.24
N VAL A 99 -3.85 20.61 -0.67
CA VAL A 99 -2.65 20.44 -1.48
C VAL A 99 -1.55 21.36 -0.95
N GLN A 100 -0.33 20.81 -0.85
CA GLN A 100 0.87 21.57 -0.54
C GLN A 100 1.83 21.45 -1.72
N SER A 101 1.78 22.42 -2.62
CA SER A 101 2.60 22.39 -3.83
C SER A 101 3.53 23.59 -3.86
N PRO A 102 4.83 23.42 -3.62
CA PRO A 102 5.74 24.58 -3.61
C PRO A 102 5.79 25.31 -4.94
N ASN A 103 5.64 24.59 -6.05
CA ASN A 103 5.63 25.25 -7.36
C ASN A 103 4.41 26.16 -7.51
N CYS A 104 3.25 25.71 -7.01
CA CYS A 104 2.06 26.57 -7.02
C CYS A 104 2.24 27.77 -6.11
N ASN A 105 2.79 27.56 -4.91
CA ASN A 105 3.00 28.67 -3.97
C ASN A 105 4.00 29.66 -4.53
N GLN A 106 5.02 29.16 -5.23
CA GLN A 106 5.97 30.05 -5.89
C GLN A 106 5.28 30.94 -6.92
N ARG A 107 4.35 30.37 -7.69
CA ARG A 107 3.69 31.13 -8.75
C ARG A 107 2.88 32.29 -8.19
N TYR A 108 2.27 32.11 -7.01
CA TYR A 108 1.43 33.14 -6.41
C TYR A 108 2.12 33.91 -5.29
N GLY A 109 3.40 33.62 -5.03
CA GLY A 109 4.11 34.39 -4.03
C GLY A 109 3.72 34.09 -2.59
N TRP A 110 3.28 32.87 -2.32
CA TRP A 110 2.93 32.45 -0.97
C TRP A 110 4.13 31.78 -0.30
N HIS A 111 4.00 31.58 1.01
CA HIS A 111 5.01 30.83 1.74
C HIS A 111 5.15 29.43 1.13
N PRO A 112 6.37 28.93 0.94
CA PRO A 112 6.54 27.63 0.28
C PRO A 112 5.80 26.48 0.96
N ALA A 113 5.48 26.60 2.25
CA ALA A 113 4.79 25.57 3.00
C ALA A 113 3.28 25.73 3.00
N THR A 114 2.75 26.67 2.22
CA THR A 114 1.32 26.96 2.23
C THR A 114 0.52 25.76 1.72
N VAL A 115 -0.49 25.38 2.50
CA VAL A 115 -1.44 24.35 2.11
C VAL A 115 -2.70 25.04 1.60
N CYS A 116 -3.20 24.59 0.46
CA CYS A 116 -4.36 25.21 -0.20
C CYS A 116 -5.49 24.20 -0.28
N LYS A 117 -6.63 24.55 0.30
CA LYS A 117 -7.79 23.67 0.31
C LYS A 117 -8.52 23.74 -1.02
N ILE A 118 -8.81 22.57 -1.60
CA ILE A 118 -9.60 22.48 -2.82
C ILE A 118 -10.97 21.92 -2.45
N PRO A 119 -12.02 22.73 -2.46
CA PRO A 119 -13.36 22.23 -2.16
C PRO A 119 -13.87 21.32 -3.27
N PRO A 120 -14.92 20.53 -3.00
CA PRO A 120 -15.47 19.67 -4.05
C PRO A 120 -15.88 20.46 -5.28
N GLY A 121 -15.62 19.88 -6.45
CA GLY A 121 -15.92 20.51 -7.72
C GLY A 121 -14.93 21.56 -8.17
N CYS A 122 -13.93 21.89 -7.36
CA CYS A 122 -12.96 22.91 -7.69
C CYS A 122 -11.73 22.31 -8.37
N ASN A 123 -10.93 23.18 -8.99
CA ASN A 123 -9.76 22.76 -9.74
C ASN A 123 -8.60 23.71 -9.45
N LEU A 124 -7.40 23.15 -9.36
CA LEU A 124 -6.21 23.93 -9.01
C LEU A 124 -5.04 23.49 -9.88
N LYS A 125 -4.34 24.47 -10.45
CA LYS A 125 -3.12 24.22 -11.22
C LYS A 125 -1.97 24.06 -10.23
N ILE A 126 -1.53 22.81 -10.02
CA ILE A 126 -0.55 22.52 -8.97
C ILE A 126 0.89 22.58 -9.46
N PHE A 127 1.13 22.62 -10.76
CA PHE A 127 2.50 22.63 -11.28
C PHE A 127 2.49 23.10 -12.72
N ASN A 128 3.51 23.89 -13.07
CA ASN A 128 3.74 24.34 -14.44
C ASN A 128 5.18 24.06 -14.83
N ASN A 129 5.37 23.40 -15.97
CA ASN A 129 6.70 22.96 -16.37
C ASN A 129 7.63 24.14 -16.63
N GLN A 130 7.16 25.11 -17.43
CA GLN A 130 8.03 26.23 -17.82
C GLN A 130 8.49 27.03 -16.62
N GLU A 131 7.62 27.19 -15.61
CA GLU A 131 8.04 27.90 -14.40
C GLU A 131 9.14 27.16 -13.66
N PHE A 132 9.02 25.84 -13.54
CA PHE A 132 10.09 25.07 -12.91
C PHE A 132 11.37 25.12 -13.74
N ALA A 133 11.23 25.00 -15.07
CA ALA A 133 12.41 25.08 -15.94
C ALA A 133 13.10 26.44 -15.80
N ALA A 134 12.31 27.51 -15.66
CA ALA A 134 12.90 28.83 -15.45
C ALA A 134 13.61 28.91 -14.10
N LEU A 135 12.98 28.38 -13.04
CA LEU A 135 13.61 28.39 -11.73
C LEU A 135 14.85 27.50 -11.70
N LEU A 136 14.85 26.41 -12.47
CA LEU A 136 16.05 25.57 -12.58
C LEU A 136 17.20 26.35 -13.20
N ALA A 137 16.91 27.15 -14.23
CA ALA A 137 17.95 27.96 -14.85
C ALA A 137 18.41 29.10 -13.96
N GLN A 138 17.52 29.65 -13.13
CA GLN A 138 17.92 30.72 -12.22
C GLN A 138 18.78 30.18 -11.08
N SER A 139 18.62 28.92 -10.70
CA SER A 139 19.30 28.39 -9.53
C SER A 139 20.66 27.79 -9.84
N VAL A 140 20.92 27.39 -11.08
CA VAL A 140 22.27 26.94 -11.44
C VAL A 140 23.26 28.07 -11.25
N ASN A 141 22.83 29.31 -11.48
CA ASN A 141 23.68 30.47 -11.26
C ASN A 141 23.95 30.74 -9.79
N GLN A 142 23.15 30.15 -8.89
CA GLN A 142 23.23 30.45 -7.47
C GLN A 142 24.07 29.45 -6.67
N GLY A 143 24.58 28.40 -7.31
CA GLY A 143 25.42 27.44 -6.63
C GLY A 143 24.79 26.07 -6.55
N PHE A 144 25.56 25.14 -5.99
CA PHE A 144 25.11 23.75 -5.88
C PHE A 144 23.91 23.61 -4.96
N GLU A 145 23.99 24.20 -3.76
CA GLU A 145 22.93 24.01 -2.77
C GLU A 145 21.58 24.53 -3.27
N ALA A 146 21.59 25.63 -4.02
CA ALA A 146 20.35 26.16 -4.57
C ALA A 146 19.68 25.17 -5.50
N VAL A 147 20.47 24.42 -6.27
CA VAL A 147 19.92 23.43 -7.19
C VAL A 147 19.50 22.18 -6.42
N TYR A 148 20.26 21.83 -5.39
CA TYR A 148 19.93 20.68 -4.56
C TYR A 148 18.59 20.88 -3.85
N GLN A 149 18.37 22.06 -3.28
CA GLN A 149 17.11 22.34 -2.59
C GLN A 149 15.91 22.32 -3.51
N LEU A 150 16.10 22.33 -4.83
CA LEU A 150 14.99 22.27 -5.77
C LEU A 150 14.34 20.90 -5.86
N THR A 151 14.88 19.88 -5.20
CA THR A 151 14.24 18.57 -5.22
C THR A 151 12.85 18.61 -4.59
N ARG A 152 12.63 19.49 -3.61
CA ARG A 152 11.31 19.63 -3.00
C ARG A 152 10.30 20.24 -3.95
N MET A 153 10.76 20.90 -5.03
CA MET A 153 9.84 21.45 -6.02
C MET A 153 9.21 20.36 -6.87
N CYS A 154 9.88 19.22 -7.01
CA CYS A 154 9.35 18.11 -7.77
C CYS A 154 8.35 17.27 -6.98
N THR A 155 8.10 17.62 -5.72
CA THR A 155 7.22 16.84 -4.85
C THR A 155 5.99 17.65 -4.48
N ILE A 156 4.82 17.04 -4.62
CA ILE A 156 3.55 17.63 -4.21
C ILE A 156 2.89 16.67 -3.23
N ARG A 157 2.43 17.21 -2.10
CA ARG A 157 1.76 16.42 -1.08
C ARG A 157 0.35 16.95 -0.88
N MET A 158 -0.63 16.06 -0.84
CA MET A 158 -2.01 16.44 -0.58
C MET A 158 -2.67 15.43 0.34
N SER A 159 -3.62 15.91 1.13
CA SER A 159 -4.35 15.10 2.10
C SER A 159 -5.84 15.18 1.84
N PHE A 160 -6.55 14.09 2.15
CA PHE A 160 -8.00 14.04 2.00
C PHE A 160 -8.69 14.45 3.29
N VAL A 161 -9.83 15.13 3.15
CA VAL A 161 -10.76 15.41 4.24
C VAL A 161 -10.19 16.44 5.21
N LYS A 162 -9.02 16.17 5.76
CA LYS A 162 -8.43 16.99 6.81
C LYS A 162 -7.13 17.64 6.32
N GLY A 163 -6.95 18.91 6.69
CA GLY A 163 -5.77 19.65 6.32
C GLY A 163 -4.81 19.82 7.49
N TRP A 164 -3.64 20.39 7.19
CA TRP A 164 -2.60 20.59 8.18
C TRP A 164 -1.89 21.91 7.93
N GLY A 165 -1.45 22.54 9.00
CA GLY A 165 -0.75 23.81 8.91
C GLY A 165 -1.06 24.66 10.12
N ALA A 166 -0.73 25.95 10.00
CA ALA A 166 -0.88 26.88 11.10
C ALA A 166 -2.33 27.21 11.41
N GLU A 167 -3.25 26.89 10.52
CA GLU A 167 -4.67 27.16 10.76
C GLU A 167 -5.39 25.98 11.37
N TYR A 168 -4.89 24.76 11.19
CA TYR A 168 -5.54 23.55 11.65
C TYR A 168 -4.85 23.03 12.90
N ARG A 169 -5.54 22.15 13.63
CA ARG A 169 -4.95 21.59 14.83
C ARG A 169 -3.80 20.65 14.50
N ARG A 170 -3.91 19.92 13.39
CA ARG A 170 -2.81 19.09 12.92
C ARG A 170 -1.75 19.99 12.30
N GLN A 171 -0.52 19.89 12.79
CA GLN A 171 0.53 20.81 12.38
C GLN A 171 1.35 20.31 11.19
N THR A 172 1.51 19.00 11.06
CA THR A 172 2.34 18.41 10.02
C THR A 172 1.50 17.45 9.19
N VAL A 173 1.92 17.22 7.95
CA VAL A 173 1.21 16.30 7.07
C VAL A 173 1.22 14.89 7.63
N THR A 174 2.20 14.56 8.49
CA THR A 174 2.24 13.26 9.12
C THR A 174 1.17 13.10 10.20
N SER A 175 0.42 14.15 10.50
CA SER A 175 -0.69 14.06 11.45
C SER A 175 -2.04 13.88 10.76
N THR A 176 -2.10 14.07 9.44
CA THR A 176 -3.34 13.85 8.73
C THR A 176 -3.57 12.35 8.52
N PRO A 177 -4.82 11.88 8.61
CA PRO A 177 -5.06 10.44 8.54
C PRO A 177 -4.80 9.83 7.17
N CYS A 178 -5.07 10.57 6.09
CA CYS A 178 -4.87 10.04 4.74
C CYS A 178 -4.27 11.13 3.87
N TRP A 179 -3.06 10.88 3.36
CA TRP A 179 -2.41 11.81 2.45
C TRP A 179 -1.51 11.04 1.50
N ILE A 180 -1.21 11.68 0.37
CA ILE A 180 -0.38 11.08 -0.67
C ILE A 180 0.77 12.03 -0.98
N GLU A 181 1.78 11.51 -1.65
CA GLU A 181 2.94 12.29 -2.07
C GLU A 181 3.23 12.01 -3.53
N LEU A 182 3.27 13.07 -4.33
CA LEU A 182 3.50 12.97 -5.77
C LEU A 182 4.94 13.32 -6.09
N HIS A 183 5.58 12.48 -6.92
CA HIS A 183 6.90 12.76 -7.45
C HIS A 183 6.74 13.01 -8.94
N LEU A 184 7.18 14.18 -9.41
CA LEU A 184 7.08 14.53 -10.82
C LEU A 184 8.37 14.10 -11.51
N ASN A 185 8.27 13.00 -12.27
CA ASN A 185 9.46 12.37 -12.82
C ASN A 185 10.09 13.20 -13.94
N GLY A 186 9.28 13.96 -14.66
CA GLY A 186 9.78 14.88 -15.67
C GLY A 186 10.77 15.87 -15.07
N PRO A 187 10.28 16.73 -14.18
CA PRO A 187 11.18 17.67 -13.50
C PRO A 187 12.35 17.00 -12.79
N LEU A 188 12.13 15.84 -12.17
CA LEU A 188 13.21 15.14 -11.49
C LEU A 188 14.33 14.77 -12.45
N GLN A 189 13.98 14.38 -13.69
CA GLN A 189 15.01 14.05 -14.66
C GLN A 189 15.79 15.28 -15.10
N TRP A 190 15.08 16.40 -15.34
CA TRP A 190 15.78 17.63 -15.70
C TRP A 190 16.66 18.12 -14.55
N LEU A 191 16.15 18.05 -13.32
CA LEU A 191 16.97 18.40 -12.17
C LEU A 191 18.20 17.51 -12.06
N ASP A 192 18.05 16.22 -12.37
CA ASP A 192 19.19 15.31 -12.34
C ASP A 192 20.25 15.69 -13.36
N LYS A 193 19.85 15.94 -14.61
CA LYS A 193 20.81 16.25 -15.66
C LYS A 193 21.59 17.53 -15.38
N VAL A 194 21.00 18.47 -14.65
CA VAL A 194 21.74 19.66 -14.27
C VAL A 194 22.66 19.35 -13.09
N LEU A 195 22.16 18.60 -12.11
CA LEU A 195 22.95 18.33 -10.91
C LEU A 195 24.20 17.52 -11.22
N THR A 196 24.11 16.55 -12.13
CA THR A 196 25.26 15.71 -12.43
C THR A 196 26.41 16.50 -13.05
N GLN A 197 26.08 17.47 -13.92
CA GLN A 197 27.13 18.21 -14.61
C GLN A 197 27.73 19.32 -13.77
N MET A 198 27.07 19.71 -12.68
CA MET A 198 27.62 20.76 -11.81
C MET A 198 28.73 20.21 -10.93
N ALA B 14 -5.26 -9.10 -14.11
CA ALA B 14 -4.16 -9.89 -14.64
C ALA B 14 -3.70 -10.93 -13.63
N PHE B 15 -3.70 -10.55 -12.37
CA PHE B 15 -3.27 -11.41 -11.27
C PHE B 15 -4.47 -11.72 -10.40
N TRP B 16 -4.80 -13.01 -10.25
CA TRP B 16 -6.00 -13.38 -9.52
C TRP B 16 -5.89 -13.12 -8.03
N CYS B 17 -4.67 -12.96 -7.50
CA CYS B 17 -4.51 -12.66 -6.09
C CYS B 17 -3.18 -11.96 -5.85
N SER B 18 -3.12 -11.24 -4.74
CA SER B 18 -1.90 -10.59 -4.27
C SER B 18 -1.67 -10.95 -2.82
N ILE B 19 -0.41 -11.23 -2.46
CA ILE B 19 -0.07 -11.74 -1.13
C ILE B 19 0.94 -10.79 -0.49
N ALA B 20 0.69 -10.45 0.78
CA ALA B 20 1.58 -9.60 1.57
C ALA B 20 2.00 -10.39 2.81
N TYR B 21 3.31 -10.41 3.07
CA TYR B 21 3.88 -11.19 4.16
C TYR B 21 4.19 -10.28 5.34
N TYR B 22 3.86 -10.75 6.54
CA TYR B 22 4.05 -9.98 7.77
C TYR B 22 4.85 -10.78 8.77
N GLU B 23 5.47 -10.04 9.70
CA GLU B 23 6.15 -10.63 10.86
C GLU B 23 5.71 -9.81 12.07
N LEU B 24 4.91 -10.42 12.94
CA LEU B 24 4.19 -9.72 14.02
C LEU B 24 3.35 -8.63 13.36
N ASN B 25 3.53 -7.35 13.70
CA ASN B 25 2.73 -6.28 13.12
C ASN B 25 3.52 -5.44 12.13
N GLN B 26 4.63 -5.96 11.59
CA GLN B 26 5.45 -5.26 10.63
C GLN B 26 5.48 -6.05 9.33
N ARG B 27 5.22 -5.38 8.21
CA ARG B 27 5.29 -6.03 6.92
C ARG B 27 6.75 -6.23 6.49
N VAL B 28 6.99 -7.33 5.77
CA VAL B 28 8.35 -7.72 5.37
C VAL B 28 8.31 -8.13 3.90
N GLY B 29 9.22 -7.56 3.11
CA GLY B 29 9.33 -7.90 1.71
C GLY B 29 8.32 -7.19 0.83
N GLU B 30 8.48 -7.39 -0.48
CA GLU B 30 7.59 -6.80 -1.46
C GLU B 30 6.27 -7.58 -1.52
N THR B 31 5.30 -6.99 -2.22
CA THR B 31 4.03 -7.65 -2.45
C THR B 31 4.17 -8.65 -3.59
N PHE B 32 3.68 -9.87 -3.38
CA PHE B 32 3.73 -10.90 -4.41
C PHE B 32 2.42 -10.90 -5.18
N HIS B 33 2.52 -10.95 -6.51
CA HIS B 33 1.36 -10.95 -7.39
C HIS B 33 1.32 -12.28 -8.13
N ALA B 34 0.23 -13.02 -7.96
CA ALA B 34 0.12 -14.38 -8.49
C ALA B 34 -0.28 -14.33 -9.95
N SER B 35 0.64 -14.71 -10.84
CA SER B 35 0.38 -14.75 -12.27
C SER B 35 -0.18 -16.07 -12.74
N GLN B 36 -0.03 -17.14 -11.97
CA GLN B 36 -0.39 -18.49 -12.39
C GLN B 36 -1.47 -19.07 -11.49
N PRO B 37 -2.20 -20.09 -11.96
CA PRO B 37 -3.29 -20.64 -11.13
C PRO B 37 -2.80 -21.30 -9.85
N SER B 38 -1.59 -21.86 -9.84
CA SER B 38 -1.06 -22.55 -8.67
C SER B 38 0.10 -21.75 -8.09
N LEU B 39 0.21 -21.77 -6.76
CA LEU B 39 1.21 -20.96 -6.08
C LEU B 39 1.53 -21.62 -4.73
N THR B 40 2.78 -21.47 -4.32
CA THR B 40 3.24 -21.97 -3.02
C THR B 40 3.97 -20.86 -2.28
N VAL B 41 3.69 -20.73 -0.99
CA VAL B 41 4.40 -19.79 -0.12
C VAL B 41 5.22 -20.64 0.85
N ASP B 42 6.52 -20.73 0.59
CA ASP B 42 7.44 -21.54 1.39
C ASP B 42 8.53 -20.64 1.98
N GLY B 43 9.40 -21.26 2.77
CA GLY B 43 10.48 -20.53 3.41
C GLY B 43 11.83 -20.75 2.77
N PHE B 44 11.85 -21.12 1.49
CA PHE B 44 13.09 -21.38 0.78
C PHE B 44 13.53 -20.11 0.06
N THR B 45 14.42 -20.21 -0.94
CA THR B 45 15.16 -19.04 -1.40
C THR B 45 15.20 -18.92 -2.92
N ASP B 46 14.12 -19.26 -3.61
CA ASP B 46 14.05 -19.01 -5.06
C ASP B 46 13.48 -17.62 -5.32
N PRO B 47 14.25 -16.69 -5.89
CA PRO B 47 13.77 -15.32 -6.06
C PRO B 47 13.06 -15.03 -7.37
N SER B 48 13.04 -15.95 -8.32
CA SER B 48 12.51 -15.68 -9.65
C SER B 48 11.70 -16.88 -10.16
N ASN B 49 10.76 -17.33 -9.34
CA ASN B 49 9.79 -18.34 -9.74
C ASN B 49 8.40 -17.75 -9.59
N SER B 50 7.66 -17.68 -10.71
CA SER B 50 6.33 -17.07 -10.69
C SER B 50 5.30 -17.91 -9.94
N GLU B 51 5.67 -19.11 -9.51
CA GLU B 51 4.75 -19.99 -8.79
C GLU B 51 5.09 -20.15 -7.32
N ARG B 52 6.24 -19.66 -6.86
CA ARG B 52 6.64 -19.78 -5.46
C ARG B 52 6.90 -18.39 -4.89
N PHE B 53 6.34 -18.14 -3.71
CA PHE B 53 6.62 -16.93 -2.93
C PHE B 53 7.56 -17.36 -1.81
N CYS B 54 8.86 -17.19 -2.04
CA CYS B 54 9.88 -17.67 -1.13
C CYS B 54 10.15 -16.63 -0.05
N LEU B 55 9.94 -17.02 1.19
CA LEU B 55 10.08 -16.13 2.34
C LEU B 55 11.48 -16.13 2.91
N GLY B 56 12.30 -17.11 2.56
CA GLY B 56 13.64 -17.23 3.12
C GLY B 56 14.58 -16.12 2.71
N LEU B 57 14.29 -15.40 1.63
CA LEU B 57 15.18 -14.32 1.22
C LEU B 57 14.81 -12.98 1.86
N LEU B 58 13.63 -12.85 2.44
CA LEU B 58 13.21 -11.57 2.98
C LEU B 58 13.95 -11.27 4.27
N SER B 59 14.55 -10.08 4.33
CA SER B 59 15.30 -9.64 5.51
C SER B 59 14.38 -8.85 6.43
N ASN B 60 14.80 -8.75 7.70
CA ASN B 60 14.08 -7.94 8.68
C ASN B 60 15.05 -7.62 9.80
N VAL B 61 15.50 -6.36 9.87
CA VAL B 61 16.49 -5.97 10.87
C VAL B 61 15.90 -5.86 12.27
N ASN B 62 14.58 -5.92 12.40
CA ASN B 62 13.92 -5.93 13.69
C ASN B 62 13.40 -7.32 14.07
N ARG B 63 13.82 -8.36 13.33
CA ARG B 63 13.37 -9.71 13.59
C ARG B 63 13.92 -10.22 14.91
N ASN B 64 13.07 -10.83 15.71
CA ASN B 64 13.45 -11.38 17.00
C ASN B 64 13.69 -12.89 16.88
N ALA B 65 14.08 -13.50 18.00
CA ALA B 65 14.43 -14.92 17.99
C ALA B 65 13.21 -15.78 17.68
N THR B 66 12.06 -15.46 18.27
CA THR B 66 10.86 -16.26 18.04
C THR B 66 10.47 -16.31 16.58
N VAL B 67 10.55 -15.19 15.87
CA VAL B 67 10.27 -15.17 14.45
C VAL B 67 11.30 -16.01 13.68
N GLU B 68 12.58 -15.87 14.03
CA GLU B 68 13.62 -16.61 13.32
C GLU B 68 13.38 -18.11 13.40
N MET B 69 13.04 -18.61 14.59
CA MET B 69 12.78 -20.03 14.76
C MET B 69 11.53 -20.45 13.99
N THR B 70 10.49 -19.62 14.03
CA THR B 70 9.25 -19.97 13.32
C THR B 70 9.49 -20.12 11.83
N ARG B 71 10.37 -19.31 11.25
CA ARG B 71 10.61 -19.37 9.81
C ARG B 71 11.35 -20.64 9.41
N ARG B 72 12.03 -21.28 10.38
CA ARG B 72 12.69 -22.56 10.14
C ARG B 72 11.66 -23.66 9.94
N HIS B 73 10.46 -23.50 10.51
CA HIS B 73 9.42 -24.52 10.45
C HIS B 73 8.38 -24.26 9.37
N ILE B 74 8.52 -23.17 8.62
CA ILE B 74 7.62 -22.94 7.49
C ILE B 74 7.80 -24.04 6.46
N GLY B 75 9.06 -24.36 6.15
CA GLY B 75 9.35 -25.46 5.24
C GLY B 75 8.74 -25.26 3.87
N ARG B 76 8.13 -26.33 3.36
CA ARG B 76 7.49 -26.27 2.05
C ARG B 76 6.28 -25.37 2.04
N GLY B 77 5.71 -25.06 3.21
CA GLY B 77 4.72 -24.01 3.34
C GLY B 77 3.31 -24.38 2.95
N VAL B 78 2.62 -23.46 2.28
CA VAL B 78 1.22 -23.63 1.90
C VAL B 78 1.12 -23.52 0.38
N ARG B 79 0.21 -24.30 -0.21
CA ARG B 79 -0.08 -24.24 -1.63
C ARG B 79 -1.44 -23.60 -1.84
N LEU B 80 -1.49 -22.58 -2.70
CA LEU B 80 -2.73 -21.87 -3.03
C LEU B 80 -2.98 -22.03 -4.52
N TYR B 81 -4.12 -22.63 -4.87
CA TYR B 81 -4.48 -22.83 -6.27
C TYR B 81 -5.93 -22.44 -6.48
N TYR B 82 -6.20 -21.95 -7.69
CA TYR B 82 -7.47 -21.32 -8.05
C TYR B 82 -8.07 -22.11 -9.22
N ILE B 83 -9.11 -22.88 -8.94
CA ILE B 83 -9.71 -23.77 -9.93
C ILE B 83 -11.22 -23.72 -9.81
N GLY B 84 -11.91 -23.72 -10.95
CA GLY B 84 -13.37 -23.77 -10.98
C GLY B 84 -14.04 -22.68 -10.18
N GLY B 85 -13.50 -21.46 -10.21
CA GLY B 85 -14.07 -20.40 -9.41
C GLY B 85 -13.95 -20.59 -7.92
N GLU B 86 -13.05 -21.47 -7.48
CA GLU B 86 -12.82 -21.76 -6.08
C GLU B 86 -11.33 -21.74 -5.79
N VAL B 87 -10.99 -21.30 -4.57
CA VAL B 87 -9.61 -21.20 -4.11
C VAL B 87 -9.43 -22.17 -2.95
N PHE B 88 -8.29 -22.87 -2.95
CA PHE B 88 -8.00 -23.89 -1.96
C PHE B 88 -6.66 -23.61 -1.30
N ALA B 89 -6.56 -24.02 -0.04
CA ALA B 89 -5.33 -23.92 0.73
C ALA B 89 -4.90 -25.30 1.17
N GLU B 90 -3.67 -25.68 0.85
CA GLU B 90 -3.11 -26.98 1.17
C GLU B 90 -1.83 -26.81 1.98
N CYS B 91 -1.80 -27.42 3.16
CA CYS B 91 -0.66 -27.29 4.08
C CYS B 91 0.41 -28.31 3.70
N LEU B 92 1.50 -27.83 3.10
CA LEU B 92 2.65 -28.67 2.79
C LEU B 92 3.69 -28.68 3.89
N SER B 93 3.61 -27.75 4.84
CA SER B 93 4.56 -27.68 5.94
C SER B 93 4.44 -28.89 6.86
N ASP B 94 5.48 -29.11 7.66
CA ASP B 94 5.41 -30.08 8.75
C ASP B 94 4.73 -29.50 9.99
N SER B 95 4.50 -28.20 10.01
CA SER B 95 3.70 -27.55 11.04
C SER B 95 2.38 -27.11 10.43
N ALA B 96 1.40 -26.86 11.30
CA ALA B 96 0.07 -26.53 10.83
C ALA B 96 0.02 -25.07 10.37
N ILE B 97 -0.96 -24.79 9.50
CA ILE B 97 -1.28 -23.43 9.10
C ILE B 97 -2.69 -23.13 9.58
N PHE B 98 -2.97 -21.84 9.76
CA PHE B 98 -4.21 -21.38 10.37
C PHE B 98 -4.82 -20.32 9.46
N VAL B 99 -5.95 -20.62 8.85
CA VAL B 99 -6.56 -19.78 7.83
C VAL B 99 -7.77 -19.07 8.43
N GLN B 100 -7.88 -17.77 8.17
CA GLN B 100 -9.05 -16.97 8.55
C GLN B 100 -9.67 -16.45 7.26
N SER B 101 -10.68 -17.14 6.75
CA SER B 101 -11.34 -16.77 5.50
C SER B 101 -12.81 -16.49 5.79
N PRO B 102 -13.23 -15.23 5.80
CA PRO B 102 -14.64 -14.93 6.12
C PRO B 102 -15.63 -15.54 5.15
N ASN B 103 -15.26 -15.71 3.88
CA ASN B 103 -16.15 -16.33 2.92
C ASN B 103 -16.39 -17.80 3.27
N CYS B 104 -15.34 -18.49 3.73
CA CYS B 104 -15.50 -19.87 4.17
C CYS B 104 -16.39 -19.94 5.40
N ASN B 105 -16.20 -19.03 6.35
CA ASN B 105 -17.00 -19.03 7.58
C ASN B 105 -18.46 -18.76 7.27
N GLN B 106 -18.72 -17.89 6.29
CA GLN B 106 -20.10 -17.63 5.87
C GLN B 106 -20.77 -18.89 5.33
N ARG B 107 -20.04 -19.68 4.54
CA ARG B 107 -20.61 -20.86 3.90
C ARG B 107 -21.11 -21.87 4.93
N TYR B 108 -20.39 -22.01 6.06
CA TYR B 108 -20.75 -22.98 7.08
C TYR B 108 -21.45 -22.36 8.28
N GLY B 109 -21.72 -21.06 8.25
CA GLY B 109 -22.45 -20.45 9.34
C GLY B 109 -21.65 -20.26 10.62
N TRP B 110 -20.34 -20.11 10.51
CA TRP B 110 -19.50 -19.85 11.68
C TRP B 110 -19.30 -18.35 11.86
N HIS B 111 -18.76 -18.00 13.03
CA HIS B 111 -18.40 -16.61 13.29
C HIS B 111 -17.44 -16.12 12.21
N PRO B 112 -17.64 -14.91 11.68
CA PRO B 112 -16.77 -14.44 10.59
C PRO B 112 -15.29 -14.42 10.94
N ALA B 113 -14.94 -14.35 12.21
CA ALA B 113 -13.56 -14.30 12.66
C ALA B 113 -12.98 -15.66 13.01
N THR B 114 -13.70 -16.75 12.72
CA THR B 114 -13.24 -18.07 13.13
C THR B 114 -11.97 -18.46 12.38
N VAL B 115 -10.97 -18.91 13.11
CA VAL B 115 -9.74 -19.45 12.55
C VAL B 115 -9.82 -20.97 12.59
N CYS B 116 -9.48 -21.61 11.46
CA CYS B 116 -9.55 -23.06 11.35
C CYS B 116 -8.15 -23.59 11.02
N LYS B 117 -7.68 -24.53 11.83
CA LYS B 117 -6.35 -25.11 11.64
C LYS B 117 -6.38 -26.12 10.51
N ILE B 118 -5.41 -26.02 9.61
CA ILE B 118 -5.21 -26.99 8.54
C ILE B 118 -3.98 -27.82 8.89
N PRO B 119 -4.15 -29.08 9.29
CA PRO B 119 -2.99 -29.92 9.61
C PRO B 119 -2.21 -30.25 8.36
N PRO B 120 -0.95 -30.70 8.50
CA PRO B 120 -0.17 -31.08 7.32
C PRO B 120 -0.89 -32.13 6.49
N GLY B 121 -0.80 -31.98 5.16
CA GLY B 121 -1.45 -32.87 4.23
C GLY B 121 -2.92 -32.62 4.01
N CYS B 122 -3.53 -31.70 4.74
CA CYS B 122 -4.96 -31.41 4.61
C CYS B 122 -5.19 -30.28 3.62
N ASN B 123 -6.46 -30.14 3.20
CA ASN B 123 -6.85 -29.17 2.20
C ASN B 123 -8.16 -28.52 2.61
N LEU B 124 -8.28 -27.23 2.32
CA LEU B 124 -9.45 -26.45 2.72
C LEU B 124 -9.91 -25.55 1.58
N LYS B 125 -11.22 -25.54 1.34
CA LYS B 125 -11.82 -24.63 0.37
C LYS B 125 -11.97 -23.26 1.04
N ILE B 126 -11.08 -22.33 0.69
CA ILE B 126 -11.03 -21.06 1.39
C ILE B 126 -11.89 -19.98 0.74
N PHE B 127 -12.37 -20.19 -0.48
CA PHE B 127 -13.16 -19.16 -1.15
C PHE B 127 -13.95 -19.75 -2.30
N ASN B 128 -15.17 -19.27 -2.46
CA ASN B 128 -16.02 -19.59 -3.61
C ASN B 128 -16.54 -18.28 -4.18
N ASN B 129 -16.33 -18.08 -5.47
CA ASN B 129 -16.67 -16.80 -6.10
C ASN B 129 -18.17 -16.52 -6.06
N GLN B 130 -18.97 -17.48 -6.50
CA GLN B 130 -20.41 -17.23 -6.64
C GLN B 130 -21.06 -16.96 -5.28
N GLU B 131 -20.60 -17.63 -4.22
CA GLU B 131 -21.11 -17.35 -2.89
C GLU B 131 -20.83 -15.92 -2.47
N PHE B 132 -19.62 -15.42 -2.79
CA PHE B 132 -19.32 -14.02 -2.55
C PHE B 132 -20.22 -13.12 -3.40
N ALA B 133 -20.43 -13.49 -4.67
CA ALA B 133 -21.32 -12.72 -5.53
C ALA B 133 -22.73 -12.68 -4.97
N ALA B 134 -23.20 -13.79 -4.40
CA ALA B 134 -24.52 -13.81 -3.80
C ALA B 134 -24.57 -12.93 -2.56
N LEU B 135 -23.56 -13.01 -1.70
CA LEU B 135 -23.51 -12.15 -0.53
C LEU B 135 -23.34 -10.68 -0.91
N LEU B 136 -22.63 -10.42 -2.02
CA LEU B 136 -22.50 -9.05 -2.51
C LEU B 136 -23.87 -8.50 -2.92
N ALA B 137 -24.68 -9.30 -3.59
CA ALA B 137 -26.01 -8.85 -3.98
C ALA B 137 -26.95 -8.74 -2.80
N GLN B 138 -26.80 -9.63 -1.80
CA GLN B 138 -27.66 -9.56 -0.62
C GLN B 138 -27.32 -8.34 0.24
N SER B 139 -26.08 -7.87 0.18
CA SER B 139 -25.65 -6.78 1.05
C SER B 139 -25.94 -5.42 0.46
N VAL B 140 -26.16 -5.32 -0.86
CA VAL B 140 -26.62 -4.08 -1.45
C VAL B 140 -27.96 -3.68 -0.84
N ASN B 141 -28.79 -4.67 -0.52
CA ASN B 141 -30.06 -4.43 0.13
C ASN B 141 -29.90 -3.97 1.58
N GLN B 142 -28.73 -4.18 2.17
CA GLN B 142 -28.51 -3.90 3.58
C GLN B 142 -27.87 -2.54 3.85
N GLY B 143 -27.53 -1.79 2.80
CA GLY B 143 -26.98 -0.46 2.96
C GLY B 143 -25.53 -0.37 2.52
N PHE B 144 -25.00 0.85 2.62
CA PHE B 144 -23.61 1.10 2.22
C PHE B 144 -22.64 0.37 3.13
N GLU B 145 -22.85 0.45 4.45
CA GLU B 145 -21.90 -0.12 5.39
C GLU B 145 -21.73 -1.62 5.17
N ALA B 146 -22.82 -2.32 4.84
CA ALA B 146 -22.74 -3.75 4.58
C ALA B 146 -21.87 -4.05 3.35
N VAL B 147 -21.93 -3.19 2.33
CA VAL B 147 -21.21 -3.46 1.09
C VAL B 147 -19.72 -3.14 1.22
N TYR B 148 -19.39 -2.02 1.85
CA TYR B 148 -17.99 -1.65 2.05
C TYR B 148 -17.30 -2.63 2.99
N GLN B 149 -17.99 -3.08 4.05
CA GLN B 149 -17.39 -4.07 4.95
C GLN B 149 -17.07 -5.39 4.25
N LEU B 150 -17.55 -5.60 3.02
CA LEU B 150 -17.23 -6.81 2.28
C LEU B 150 -15.78 -6.85 1.81
N THR B 151 -15.02 -5.77 2.01
CA THR B 151 -13.60 -5.81 1.70
C THR B 151 -12.89 -6.87 2.53
N ARG B 152 -13.39 -7.12 3.75
CA ARG B 152 -12.82 -8.16 4.59
C ARG B 152 -13.08 -9.56 4.04
N MET B 153 -14.11 -9.72 3.21
CA MET B 153 -14.38 -11.01 2.58
C MET B 153 -13.42 -11.28 1.42
N CYS B 154 -12.91 -10.23 0.78
CA CYS B 154 -11.94 -10.39 -0.29
C CYS B 154 -10.53 -10.63 0.24
N THR B 155 -10.34 -10.59 1.55
CA THR B 155 -9.03 -10.77 2.17
C THR B 155 -9.04 -12.04 3.01
N ILE B 156 -8.01 -12.86 2.85
CA ILE B 156 -7.80 -14.06 3.63
C ILE B 156 -6.45 -13.95 4.31
N ARG B 157 -6.40 -14.24 5.61
CA ARG B 157 -5.18 -14.20 6.38
C ARG B 157 -4.85 -15.58 6.93
N MET B 158 -3.59 -15.97 6.81
CA MET B 158 -3.12 -17.22 7.39
C MET B 158 -1.77 -17.01 8.03
N SER B 159 -1.50 -17.80 9.06
CA SER B 159 -0.25 -17.76 9.80
C SER B 159 0.38 -19.15 9.80
N PHE B 160 1.71 -19.17 9.80
CA PHE B 160 2.44 -20.43 9.82
C PHE B 160 2.76 -20.82 11.25
N VAL B 161 2.72 -22.13 11.52
CA VAL B 161 3.22 -22.73 12.76
C VAL B 161 2.30 -22.39 13.93
N LYS B 162 2.05 -21.11 14.16
CA LYS B 162 1.34 -20.65 15.34
C LYS B 162 0.01 -20.01 14.92
N GLY B 163 -1.05 -20.33 15.66
CA GLY B 163 -2.37 -19.79 15.39
C GLY B 163 -2.77 -18.76 16.43
N TRP B 164 -3.89 -18.09 16.14
CA TRP B 164 -4.43 -17.05 16.99
C TRP B 164 -5.94 -17.14 16.98
N GLY B 165 -6.57 -16.82 18.10
CA GLY B 165 -8.01 -16.92 18.19
C GLY B 165 -8.42 -17.35 19.59
N ALA B 166 -9.66 -17.82 19.69
CA ALA B 166 -10.25 -18.16 20.98
C ALA B 166 -9.63 -19.43 21.59
N GLU B 167 -8.90 -20.22 20.81
CA GLU B 167 -8.22 -21.40 21.34
C GLU B 167 -6.76 -21.16 21.70
N TYR B 168 -6.11 -20.17 21.08
CA TYR B 168 -4.69 -19.96 21.24
C TYR B 168 -4.39 -18.78 22.17
N ARG B 169 -3.14 -18.74 22.64
CA ARG B 169 -2.73 -17.70 23.58
C ARG B 169 -2.70 -16.32 22.94
N ARG B 170 -2.24 -16.22 21.70
CA ARG B 170 -2.24 -14.94 20.99
C ARG B 170 -3.62 -14.63 20.47
N GLN B 171 -4.09 -13.42 20.75
CA GLN B 171 -5.46 -13.02 20.45
C GLN B 171 -5.63 -12.47 19.03
N THR B 172 -4.61 -11.83 18.48
CA THR B 172 -4.70 -11.19 17.17
C THR B 172 -3.65 -11.77 16.23
N VAL B 173 -3.94 -11.71 14.93
CA VAL B 173 -3.00 -12.19 13.93
C VAL B 173 -1.71 -11.40 13.96
N THR B 174 -1.74 -10.16 14.45
CA THR B 174 -0.52 -9.36 14.58
C THR B 174 0.39 -9.87 15.67
N SER B 175 -0.03 -10.87 16.44
CA SER B 175 0.79 -11.50 17.45
C SER B 175 1.45 -12.78 16.96
N THR B 176 1.04 -13.29 15.78
CA THR B 176 1.68 -14.47 15.23
C THR B 176 3.02 -14.09 14.61
N PRO B 177 4.03 -14.96 14.75
CA PRO B 177 5.38 -14.56 14.28
C PRO B 177 5.49 -14.46 12.78
N CYS B 178 4.78 -15.31 12.02
CA CYS B 178 4.85 -15.30 10.57
C CYS B 178 3.43 -15.51 10.04
N TRP B 179 2.93 -14.52 9.32
CA TRP B 179 1.62 -14.65 8.71
C TRP B 179 1.57 -13.84 7.41
N ILE B 180 0.62 -14.21 6.56
CA ILE B 180 0.43 -13.57 5.26
C ILE B 180 -1.00 -13.09 5.16
N GLU B 181 -1.23 -12.21 4.18
CA GLU B 181 -2.57 -11.68 3.91
C GLU B 181 -2.84 -11.83 2.42
N LEU B 182 -3.95 -12.49 2.09
CA LEU B 182 -4.31 -12.79 0.71
C LEU B 182 -5.38 -11.81 0.24
N HIS B 183 -5.16 -11.19 -0.92
CA HIS B 183 -6.15 -10.34 -1.57
C HIS B 183 -6.63 -11.00 -2.85
N LEU B 184 -7.93 -11.21 -2.97
CA LEU B 184 -8.53 -11.79 -4.17
C LEU B 184 -8.97 -10.66 -5.08
N ASN B 185 -8.22 -10.43 -6.16
CA ASN B 185 -8.44 -9.26 -7.00
C ASN B 185 -9.74 -9.36 -7.80
N GLY B 186 -10.17 -10.58 -8.13
CA GLY B 186 -11.44 -10.79 -8.78
C GLY B 186 -12.60 -10.22 -7.99
N PRO B 187 -12.85 -10.78 -6.80
CA PRO B 187 -13.91 -10.24 -5.95
C PRO B 187 -13.78 -8.75 -5.65
N LEU B 188 -12.56 -8.26 -5.45
CA LEU B 188 -12.36 -6.83 -5.20
C LEU B 188 -12.85 -6.00 -6.37
N GLN B 189 -12.65 -6.49 -7.60
CA GLN B 189 -13.11 -5.75 -8.77
C GLN B 189 -14.64 -5.74 -8.85
N TRP B 190 -15.28 -6.87 -8.56
CA TRP B 190 -16.74 -6.90 -8.55
C TRP B 190 -17.29 -6.00 -7.45
N LEU B 191 -16.67 -6.05 -6.26
CA LEU B 191 -17.07 -5.18 -5.16
C LEU B 191 -16.92 -3.71 -5.55
N ASP B 192 -15.87 -3.38 -6.29
CA ASP B 192 -15.67 -2.00 -6.74
C ASP B 192 -16.83 -1.53 -7.61
N LYS B 193 -17.25 -2.38 -8.56
CA LYS B 193 -18.32 -1.99 -9.47
C LYS B 193 -19.62 -1.71 -8.72
N VAL B 194 -19.83 -2.39 -7.59
CA VAL B 194 -20.99 -2.11 -6.75
C VAL B 194 -20.74 -0.89 -5.88
N LEU B 195 -19.54 -0.77 -5.31
CA LEU B 195 -19.25 0.33 -4.38
C LEU B 195 -19.35 1.68 -5.06
N THR B 196 -18.86 1.79 -6.30
CA THR B 196 -18.90 3.07 -7.00
C THR B 196 -20.34 3.52 -7.25
N GLN B 197 -21.23 2.57 -7.55
CA GLN B 197 -22.61 2.90 -7.85
C GLN B 197 -23.46 3.14 -6.61
N MET B 198 -22.97 2.79 -5.43
CA MET B 198 -23.73 3.03 -4.20
C MET B 198 -23.72 4.52 -3.85
N PRO C 13 16.26 -16.42 -13.27
CA PRO C 13 16.99 -15.26 -12.74
C PRO C 13 17.11 -14.13 -13.75
N ALA C 14 16.01 -13.40 -13.95
CA ALA C 14 16.00 -12.32 -14.94
C ALA C 14 16.87 -11.15 -14.48
N PHE C 15 16.86 -10.84 -13.19
CA PHE C 15 17.62 -9.74 -12.63
C PHE C 15 18.72 -10.31 -11.73
N TRP C 16 19.97 -10.00 -12.05
CA TRP C 16 21.09 -10.59 -11.35
C TRP C 16 21.24 -10.07 -9.92
N CYS C 17 20.61 -8.94 -9.59
CA CYS C 17 20.71 -8.42 -8.23
C CYS C 17 19.48 -7.59 -7.89
N SER C 18 19.21 -7.49 -6.59
CA SER C 18 18.17 -6.64 -6.03
C SER C 18 18.76 -5.83 -4.90
N ILE C 19 18.41 -4.54 -4.84
CA ILE C 19 18.98 -3.61 -3.88
C ILE C 19 17.87 -3.00 -3.06
N ALA C 20 18.06 -2.99 -1.74
CA ALA C 20 17.12 -2.38 -0.80
C ALA C 20 17.85 -1.31 -0.01
N TYR C 21 17.27 -0.10 0.02
CA TYR C 21 17.91 1.04 0.66
C TYR C 21 17.29 1.31 2.02
N TYR C 22 18.13 1.62 3.00
CA TYR C 22 17.71 1.83 4.38
C TYR C 22 18.19 3.18 4.88
N GLU C 23 17.50 3.68 5.90
CA GLU C 23 17.93 4.86 6.65
C GLU C 23 17.74 4.53 8.12
N LEU C 24 18.85 4.36 8.85
CA LEU C 24 18.85 3.82 10.21
C LEU C 24 18.15 2.46 10.14
N ASN C 25 17.05 2.23 10.87
CA ASN C 25 16.38 0.94 10.86
C ASN C 25 15.07 0.97 10.08
N GLN C 26 14.91 1.92 9.17
CA GLN C 26 13.70 2.04 8.36
C GLN C 26 14.04 1.89 6.89
N ARG C 27 13.26 1.09 6.17
CA ARG C 27 13.43 0.97 4.73
C ARG C 27 12.88 2.21 4.04
N VAL C 28 13.53 2.60 2.95
CA VAL C 28 13.19 3.82 2.23
C VAL C 28 13.19 3.51 0.74
N GLY C 29 12.07 3.82 0.08
CA GLY C 29 11.95 3.62 -1.35
C GLY C 29 11.66 2.18 -1.72
N GLU C 30 11.41 1.97 -3.00
CA GLU C 30 11.14 0.63 -3.51
C GLU C 30 12.45 -0.14 -3.68
N THR C 31 12.32 -1.44 -3.89
CA THR C 31 13.48 -2.28 -4.15
C THR C 31 13.88 -2.14 -5.62
N PHE C 32 15.18 -1.96 -5.86
CA PHE C 32 15.70 -1.84 -7.21
C PHE C 32 16.16 -3.20 -7.71
N HIS C 33 15.77 -3.53 -8.94
CA HIS C 33 16.13 -4.81 -9.56
C HIS C 33 17.01 -4.53 -10.76
N ALA C 34 18.22 -5.10 -10.76
CA ALA C 34 19.22 -4.81 -11.77
C ALA C 34 18.95 -5.62 -13.03
N SER C 35 18.56 -4.93 -14.11
CA SER C 35 18.29 -5.58 -15.38
C SER C 35 19.51 -5.69 -16.28
N GLN C 36 20.54 -4.88 -16.05
CA GLN C 36 21.71 -4.79 -16.90
C GLN C 36 22.96 -5.16 -16.12
N PRO C 37 24.05 -5.51 -16.82
CA PRO C 37 25.26 -5.93 -16.10
C PRO C 37 25.89 -4.84 -15.26
N SER C 38 25.74 -3.57 -15.63
CA SER C 38 26.35 -2.47 -14.91
C SER C 38 25.26 -1.66 -14.21
N LEU C 39 25.61 -1.13 -13.04
CA LEU C 39 24.64 -0.42 -12.20
C LEU C 39 25.39 0.56 -11.30
N THR C 40 24.75 1.69 -11.03
CA THR C 40 25.28 2.70 -10.14
C THR C 40 24.24 3.09 -9.11
N VAL C 41 24.67 3.21 -7.84
CA VAL C 41 23.81 3.67 -6.76
C VAL C 41 24.34 5.04 -6.35
N ASP C 42 23.66 6.09 -6.77
CA ASP C 42 24.07 7.47 -6.52
C ASP C 42 22.99 8.21 -5.73
N GLY C 43 23.29 9.46 -5.39
CA GLY C 43 22.37 10.29 -4.64
C GLY C 43 21.67 11.35 -5.46
N PHE C 44 21.57 11.13 -6.77
CA PHE C 44 20.94 12.09 -7.66
C PHE C 44 19.46 11.73 -7.83
N THR C 45 18.82 12.24 -8.88
CA THR C 45 17.35 12.25 -8.96
C THR C 45 16.85 11.80 -10.33
N ASP C 46 17.51 10.83 -10.95
CA ASP C 46 17.00 10.25 -12.19
C ASP C 46 16.07 9.10 -11.85
N PRO C 47 14.76 9.21 -12.11
CA PRO C 47 13.82 8.17 -11.68
C PRO C 47 13.54 7.06 -12.67
N SER C 48 14.01 7.16 -13.92
CA SER C 48 13.66 6.20 -14.96
C SER C 48 14.86 5.84 -15.81
N ASN C 49 15.96 5.46 -15.16
CA ASN C 49 17.11 4.90 -15.84
C ASN C 49 17.37 3.52 -15.25
N SER C 50 17.30 2.49 -16.10
CA SER C 50 17.44 1.11 -15.65
C SER C 50 18.85 0.78 -15.18
N GLU C 51 19.80 1.70 -15.31
CA GLU C 51 21.18 1.45 -14.92
C GLU C 51 21.59 2.23 -13.68
N ARG C 52 20.78 3.18 -13.21
CA ARG C 52 21.10 3.99 -12.05
C ARG C 52 19.98 3.87 -11.02
N PHE C 53 20.36 3.64 -9.76
CA PHE C 53 19.45 3.64 -8.63
C PHE C 53 19.67 4.94 -7.86
N CYS C 54 18.85 5.95 -8.15
CA CYS C 54 19.01 7.29 -7.61
C CYS C 54 18.29 7.38 -6.26
N LEU C 55 19.05 7.67 -5.20
CA LEU C 55 18.51 7.75 -3.85
C LEU C 55 18.10 9.16 -3.44
N GLY C 56 18.57 10.19 -4.16
CA GLY C 56 18.27 11.55 -3.77
C GLY C 56 16.82 11.96 -3.93
N LEU C 57 16.05 11.23 -4.74
CA LEU C 57 14.64 11.54 -4.94
C LEU C 57 13.73 10.85 -3.93
N LEU C 58 14.21 9.82 -3.24
CA LEU C 58 13.37 9.06 -2.33
C LEU C 58 13.11 9.85 -1.05
N SER C 59 11.85 9.94 -0.66
CA SER C 59 11.45 10.68 0.53
C SER C 59 11.47 9.80 1.77
N ASN C 60 11.49 10.46 2.93
CA ASN C 60 11.44 9.76 4.22
C ASN C 60 10.94 10.75 5.26
N VAL C 61 9.70 10.58 5.71
CA VAL C 61 9.10 11.53 6.66
C VAL C 61 9.66 11.38 8.06
N ASN C 62 10.45 10.35 8.33
CA ASN C 62 11.12 10.16 9.61
C ASN C 62 12.60 10.54 9.54
N ARG C 63 13.01 11.24 8.48
CA ARG C 63 14.40 11.60 8.26
C ARG C 63 14.85 12.58 9.34
N ASN C 64 16.01 12.32 9.93
CA ASN C 64 16.56 13.23 10.93
C ASN C 64 17.64 14.11 10.28
N ALA C 65 18.20 15.02 11.07
CA ALA C 65 19.17 15.96 10.55
C ALA C 65 20.45 15.25 10.11
N THR C 66 20.92 14.29 10.91
CA THR C 66 22.16 13.58 10.60
C THR C 66 22.05 12.83 9.27
N VAL C 67 20.91 12.20 9.01
CA VAL C 67 20.69 11.54 7.72
C VAL C 67 20.72 12.56 6.59
N GLU C 68 20.10 13.73 6.80
CA GLU C 68 20.07 14.76 5.78
C GLU C 68 21.47 15.17 5.34
N MET C 69 22.37 15.34 6.31
CA MET C 69 23.75 15.73 5.99
C MET C 69 24.48 14.62 5.23
N THR C 70 24.31 13.36 5.66
CA THR C 70 25.01 12.25 5.03
C THR C 70 24.64 12.09 3.55
N ARG C 71 23.37 12.34 3.21
CA ARG C 71 22.93 12.13 1.83
C ARG C 71 23.49 13.16 0.86
N ARG C 72 23.90 14.33 1.36
CA ARG C 72 24.56 15.31 0.50
C ARG C 72 25.93 14.82 0.05
N HIS C 73 26.54 13.91 0.82
CA HIS C 73 27.90 13.45 0.56
C HIS C 73 27.95 12.15 -0.24
N ILE C 74 26.81 11.57 -0.58
CA ILE C 74 26.80 10.35 -1.41
C ILE C 74 27.36 10.65 -2.79
N GLY C 75 26.90 11.73 -3.41
CA GLY C 75 27.41 12.10 -4.72
C GLY C 75 27.16 11.02 -5.77
N ARG C 76 28.19 10.73 -6.55
CA ARG C 76 28.08 9.73 -7.61
C ARG C 76 27.92 8.31 -7.06
N GLY C 77 28.26 8.09 -5.80
CA GLY C 77 27.92 6.84 -5.13
C GLY C 77 28.84 5.66 -5.39
N VAL C 78 28.24 4.48 -5.58
CA VAL C 78 28.97 3.23 -5.74
C VAL C 78 28.65 2.63 -7.10
N ARG C 79 29.64 1.94 -7.66
CA ARG C 79 29.50 1.21 -8.91
C ARG C 79 29.47 -0.28 -8.64
N LEU C 80 28.44 -0.95 -9.15
CA LEU C 80 28.29 -2.40 -9.01
C LEU C 80 28.27 -3.01 -10.40
N TYR C 81 29.21 -3.91 -10.68
CA TYR C 81 29.30 -4.55 -11.98
C TYR C 81 29.49 -6.04 -11.77
N TYR C 82 28.86 -6.83 -12.65
CA TYR C 82 28.83 -8.28 -12.54
C TYR C 82 29.32 -8.83 -13.87
N ILE C 83 30.57 -9.29 -13.92
CA ILE C 83 31.17 -9.78 -15.14
C ILE C 83 32.06 -10.97 -14.79
N GLY C 84 32.05 -11.97 -15.66
CA GLY C 84 32.88 -13.16 -15.47
C GLY C 84 32.66 -13.86 -14.15
N GLY C 85 31.40 -13.94 -13.71
CA GLY C 85 31.10 -14.60 -12.44
C GLY C 85 31.63 -13.90 -11.21
N GLU C 86 31.99 -12.62 -11.31
CA GLU C 86 32.52 -11.87 -10.19
C GLU C 86 31.81 -10.53 -10.10
N VAL C 87 31.62 -10.06 -8.86
CA VAL C 87 30.96 -8.79 -8.59
C VAL C 87 31.97 -7.84 -7.95
N PHE C 88 31.96 -6.59 -8.39
CA PHE C 88 32.93 -5.60 -7.94
C PHE C 88 32.20 -4.36 -7.45
N ALA C 89 32.82 -3.68 -6.48
CA ALA C 89 32.31 -2.43 -5.93
C ALA C 89 33.34 -1.35 -6.17
N GLU C 90 32.92 -0.26 -6.81
CA GLU C 90 33.79 0.87 -7.13
C GLU C 90 33.20 2.12 -6.52
N CYS C 91 34.00 2.81 -5.69
CA CYS C 91 33.54 3.99 -4.98
C CYS C 91 33.73 5.21 -5.88
N LEU C 92 32.62 5.73 -6.41
CA LEU C 92 32.66 6.96 -7.18
C LEU C 92 32.43 8.19 -6.31
N SER C 93 31.97 8.00 -5.07
CA SER C 93 31.75 9.11 -4.16
C SER C 93 33.08 9.76 -3.78
N ASP C 94 32.99 11.00 -3.30
CA ASP C 94 34.13 11.66 -2.70
C ASP C 94 34.33 11.27 -1.24
N SER C 95 33.37 10.57 -0.64
CA SER C 95 33.50 9.98 0.67
C SER C 95 33.61 8.46 0.54
N ALA C 96 34.10 7.83 1.59
CA ALA C 96 34.34 6.39 1.55
C ALA C 96 33.04 5.61 1.70
N ILE C 97 33.06 4.37 1.20
CA ILE C 97 31.98 3.42 1.39
C ILE C 97 32.53 2.24 2.18
N PHE C 98 31.63 1.55 2.87
CA PHE C 98 32.01 0.49 3.80
C PHE C 98 31.20 -0.75 3.48
N VAL C 99 31.87 -1.81 3.01
CA VAL C 99 31.21 -3.01 2.52
C VAL C 99 31.37 -4.12 3.55
N GLN C 100 30.28 -4.84 3.81
CA GLN C 100 30.29 -6.04 4.65
C GLN C 100 29.84 -7.19 3.76
N SER C 101 30.81 -7.89 3.18
CA SER C 101 30.53 -8.99 2.26
C SER C 101 31.15 -10.27 2.80
N PRO C 102 30.35 -11.21 3.31
CA PRO C 102 30.94 -12.44 3.87
C PRO C 102 31.73 -13.25 2.86
N ASN C 103 31.36 -13.22 1.58
CA ASN C 103 32.13 -13.95 0.58
C ASN C 103 33.53 -13.38 0.44
N CYS C 104 33.65 -12.05 0.47
CA CYS C 104 34.97 -11.42 0.42
C CYS C 104 35.76 -11.70 1.69
N ASN C 105 35.11 -11.56 2.86
CA ASN C 105 35.81 -11.73 4.12
C ASN C 105 36.25 -13.18 4.33
N GLN C 106 35.42 -14.14 3.94
CA GLN C 106 35.82 -15.54 4.03
C GLN C 106 37.03 -15.84 3.15
N ARG C 107 37.06 -15.26 1.95
CA ARG C 107 38.14 -15.52 1.00
C ARG C 107 39.49 -15.07 1.56
N TYR C 108 39.51 -14.01 2.35
CA TYR C 108 40.75 -13.50 2.92
C TYR C 108 40.95 -13.91 4.37
N GLY C 109 40.06 -14.74 4.91
CA GLY C 109 40.23 -15.28 6.25
C GLY C 109 39.95 -14.31 7.38
N TRP C 110 39.09 -13.33 7.18
CA TRP C 110 38.69 -12.40 8.22
C TRP C 110 37.37 -12.82 8.85
N HIS C 111 37.04 -12.18 9.97
CA HIS C 111 35.76 -12.40 10.61
C HIS C 111 34.63 -12.11 9.62
N PRO C 112 33.61 -12.97 9.56
CA PRO C 112 32.53 -12.75 8.57
C PRO C 112 31.85 -11.39 8.68
N ALA C 113 31.91 -10.74 9.85
CA ALA C 113 31.28 -9.45 10.04
C ALA C 113 32.21 -8.29 9.74
N THR C 114 33.40 -8.54 9.20
CA THR C 114 34.37 -7.48 8.98
C THR C 114 33.86 -6.53 7.90
N VAL C 115 33.89 -5.24 8.19
CA VAL C 115 33.57 -4.20 7.22
C VAL C 115 34.87 -3.61 6.70
N CYS C 116 34.92 -3.40 5.38
CA CYS C 116 36.13 -2.90 4.72
C CYS C 116 35.83 -1.55 4.09
N LYS C 117 36.62 -0.54 4.46
CA LYS C 117 36.44 0.79 3.91
C LYS C 117 37.02 0.85 2.50
N ILE C 118 36.24 1.38 1.56
CA ILE C 118 36.69 1.61 0.19
C ILE C 118 36.88 3.12 0.03
N PRO C 119 38.10 3.62 -0.05
CA PRO C 119 38.31 5.06 -0.24
C PRO C 119 37.86 5.48 -1.63
N PRO C 120 37.67 6.78 -1.86
CA PRO C 120 37.26 7.24 -3.19
C PRO C 120 38.24 6.78 -4.27
N GLY C 121 37.68 6.37 -5.42
CA GLY C 121 38.47 5.89 -6.52
C GLY C 121 38.95 4.45 -6.40
N CYS C 122 38.70 3.79 -5.28
CA CYS C 122 39.17 2.43 -5.07
C CYS C 122 38.11 1.41 -5.50
N ASN C 123 38.55 0.16 -5.62
CA ASN C 123 37.71 -0.93 -6.10
C ASN C 123 37.98 -2.16 -5.25
N LEU C 124 36.92 -2.92 -4.97
CA LEU C 124 37.01 -4.10 -4.10
C LEU C 124 36.19 -5.22 -4.73
N LYS C 125 36.78 -6.40 -4.79
CA LYS C 125 36.11 -7.60 -5.29
C LYS C 125 35.22 -8.16 -4.18
N ILE C 126 33.91 -7.92 -4.28
CA ILE C 126 33.00 -8.26 -3.18
C ILE C 126 32.38 -9.65 -3.30
N PHE C 127 32.47 -10.31 -4.45
CA PHE C 127 31.81 -11.60 -4.59
C PHE C 127 32.38 -12.37 -5.78
N ASN C 128 32.50 -13.68 -5.62
CA ASN C 128 32.89 -14.59 -6.69
C ASN C 128 31.89 -15.74 -6.74
N ASN C 129 31.32 -15.99 -7.92
CA ASN C 129 30.27 -16.99 -8.04
C ASN C 129 30.79 -18.40 -7.77
N GLN C 130 31.86 -18.80 -8.46
CA GLN C 130 32.39 -20.15 -8.29
C GLN C 130 32.87 -20.40 -6.88
N GLU C 131 33.43 -19.37 -6.23
CA GLU C 131 33.85 -19.52 -4.84
C GLU C 131 32.66 -19.83 -3.94
N PHE C 132 31.54 -19.12 -4.15
CA PHE C 132 30.32 -19.41 -3.41
C PHE C 132 29.80 -20.80 -3.74
N ALA C 133 29.80 -21.17 -5.02
CA ALA C 133 29.31 -22.49 -5.43
C ALA C 133 30.13 -23.60 -4.78
N ALA C 134 31.44 -23.41 -4.65
CA ALA C 134 32.28 -24.42 -4.02
C ALA C 134 31.94 -24.55 -2.53
N LEU C 135 31.75 -23.43 -1.84
CA LEU C 135 31.39 -23.48 -0.43
C LEU C 135 30.00 -24.08 -0.25
N LEU C 136 29.09 -23.85 -1.19
CA LEU C 136 27.77 -24.47 -1.14
C LEU C 136 27.86 -25.99 -1.23
N ALA C 137 28.71 -26.50 -2.13
CA ALA C 137 28.87 -27.94 -2.26
C ALA C 137 29.60 -28.54 -1.06
N GLN C 138 30.53 -27.79 -0.47
CA GLN C 138 31.24 -28.29 0.70
C GLN C 138 30.34 -28.37 1.93
N SER C 139 29.30 -27.53 1.99
CA SER C 139 28.45 -27.41 3.16
C SER C 139 27.25 -28.34 3.16
N VAL C 140 26.87 -28.91 2.00
CA VAL C 140 25.76 -29.85 1.98
C VAL C 140 26.02 -31.05 2.90
N ASN C 141 27.28 -31.47 3.03
CA ASN C 141 27.63 -32.53 3.96
C ASN C 141 27.54 -32.10 5.42
N GLN C 142 27.44 -30.80 5.69
CA GLN C 142 27.50 -30.26 7.04
C GLN C 142 26.13 -30.09 7.68
N GLY C 143 25.06 -30.38 6.95
CA GLY C 143 23.71 -30.35 7.49
C GLY C 143 22.86 -29.27 6.85
N PHE C 144 21.58 -29.29 7.24
CA PHE C 144 20.63 -28.31 6.71
C PHE C 144 20.96 -26.90 7.20
N GLU C 145 21.20 -26.75 8.50
CA GLU C 145 21.44 -25.43 9.07
C GLU C 145 22.68 -24.79 8.48
N ALA C 146 23.72 -25.58 8.21
CA ALA C 146 24.92 -25.03 7.60
C ALA C 146 24.62 -24.48 6.20
N VAL C 147 23.71 -25.13 5.48
CA VAL C 147 23.37 -24.68 4.13
C VAL C 147 22.44 -23.47 4.18
N TYR C 148 21.51 -23.45 5.14
CA TYR C 148 20.61 -22.30 5.25
C TYR C 148 21.37 -21.04 5.61
N GLN C 149 22.32 -21.14 6.54
CA GLN C 149 23.11 -19.98 6.95
C GLN C 149 23.90 -19.36 5.80
N LEU C 150 23.98 -20.04 4.65
CA LEU C 150 24.64 -19.48 3.48
C LEU C 150 23.86 -18.34 2.86
N THR C 151 22.63 -18.08 3.33
CA THR C 151 21.89 -16.92 2.84
C THR C 151 22.63 -15.63 3.14
N ARG C 152 23.39 -15.59 4.24
CA ARG C 152 24.19 -14.41 4.55
C ARG C 152 25.31 -14.20 3.55
N MET C 153 25.72 -15.25 2.83
CA MET C 153 26.72 -15.09 1.78
C MET C 153 26.13 -14.46 0.54
N CYS C 154 24.82 -14.64 0.33
CA CYS C 154 24.12 -14.03 -0.79
C CYS C 154 23.71 -12.59 -0.51
N THR C 155 23.96 -12.08 0.69
CA THR C 155 23.59 -10.71 1.06
C THR C 155 24.85 -9.92 1.35
N ILE C 156 24.93 -8.72 0.76
CA ILE C 156 26.02 -7.79 1.00
C ILE C 156 25.41 -6.47 1.47
N ARG C 157 25.96 -5.91 2.54
CA ARG C 157 25.50 -4.65 3.09
C ARG C 157 26.64 -3.63 3.01
N MET C 158 26.32 -2.42 2.56
CA MET C 158 27.29 -1.34 2.53
C MET C 158 26.65 -0.04 3.00
N SER C 159 27.48 0.82 3.57
CA SER C 159 27.04 2.11 4.10
C SER C 159 27.83 3.23 3.45
N PHE C 160 27.17 4.38 3.29
CA PHE C 160 27.80 5.56 2.72
C PHE C 160 28.37 6.45 3.80
N VAL C 161 29.51 7.09 3.48
CA VAL C 161 30.11 8.17 4.26
C VAL C 161 30.69 7.68 5.58
N LYS C 162 29.84 7.09 6.43
CA LYS C 162 30.26 6.67 7.76
C LYS C 162 30.09 5.16 7.92
N GLY C 163 31.06 4.55 8.59
CA GLY C 163 31.09 3.12 8.78
C GLY C 163 30.68 2.68 10.18
N TRP C 164 30.63 1.36 10.36
CA TRP C 164 30.19 0.74 11.60
C TRP C 164 31.05 -0.48 11.88
N GLY C 165 31.27 -0.76 13.16
CA GLY C 165 32.07 -1.89 13.56
C GLY C 165 32.80 -1.62 14.86
N ALA C 166 33.77 -2.49 15.15
CA ALA C 166 34.45 -2.46 16.44
C ALA C 166 35.37 -1.27 16.61
N GLU C 167 35.75 -0.58 15.53
CA GLU C 167 36.59 0.60 15.65
C GLU C 167 35.79 1.89 15.74
N TYR C 168 34.55 1.89 15.27
CA TYR C 168 33.71 3.08 15.27
C TYR C 168 32.73 3.00 16.42
N ARG C 169 32.14 4.15 16.76
CA ARG C 169 31.15 4.16 17.82
C ARG C 169 29.90 3.40 17.41
N ARG C 170 29.56 3.40 16.12
CA ARG C 170 28.42 2.65 15.63
C ARG C 170 28.80 1.17 15.57
N GLN C 171 28.02 0.33 16.25
CA GLN C 171 28.29 -1.11 16.28
C GLN C 171 27.54 -1.89 15.22
N THR C 172 26.34 -1.44 14.84
CA THR C 172 25.48 -2.17 13.93
C THR C 172 25.15 -1.33 12.70
N VAL C 173 24.84 -2.01 11.61
CA VAL C 173 24.47 -1.36 10.36
C VAL C 173 23.19 -0.55 10.51
N THR C 174 22.35 -0.87 11.50
CA THR C 174 21.14 -0.10 11.72
C THR C 174 21.42 1.27 12.33
N SER C 175 22.66 1.57 12.70
CA SER C 175 23.02 2.89 13.21
C SER C 175 23.63 3.81 12.15
N THR C 176 24.03 3.28 11.00
CA THR C 176 24.54 4.17 9.97
C THR C 176 23.39 4.88 9.26
N PRO C 177 23.55 6.16 8.88
CA PRO C 177 22.42 6.91 8.33
C PRO C 177 21.96 6.43 6.96
N CYS C 178 22.87 5.94 6.11
CA CYS C 178 22.50 5.50 4.77
C CYS C 178 23.23 4.21 4.45
N TRP C 179 22.47 3.14 4.23
CA TRP C 179 23.06 1.87 3.83
C TRP C 179 22.09 1.11 2.95
N ILE C 180 22.64 0.15 2.19
CA ILE C 180 21.88 -0.65 1.24
C ILE C 180 22.12 -2.13 1.54
N GLU C 181 21.25 -2.96 0.96
CA GLU C 181 21.35 -4.41 1.08
C GLU C 181 21.22 -5.03 -0.31
N LEU C 182 22.22 -5.83 -0.69
CA LEU C 182 22.26 -6.46 -1.99
C LEU C 182 21.85 -7.93 -1.89
N HIS C 183 20.97 -8.35 -2.79
CA HIS C 183 20.59 -9.75 -2.91
C HIS C 183 21.12 -10.27 -4.24
N LEU C 184 21.92 -11.34 -4.19
CA LEU C 184 22.43 -11.97 -5.40
C LEU C 184 21.45 -13.07 -5.79
N ASN C 185 20.65 -12.82 -6.82
CA ASN C 185 19.57 -13.73 -7.17
C ASN C 185 20.08 -15.02 -7.78
N GLY C 186 21.22 -14.97 -8.46
CA GLY C 186 21.86 -16.16 -8.98
C GLY C 186 22.19 -17.15 -7.89
N PRO C 187 23.09 -16.76 -6.97
CA PRO C 187 23.43 -17.65 -5.85
C PRO C 187 22.23 -18.08 -5.02
N LEU C 188 21.27 -17.17 -4.79
CA LEU C 188 20.07 -17.52 -4.03
C LEU C 188 19.28 -18.63 -4.73
N GLN C 189 19.25 -18.60 -6.06
CA GLN C 189 18.49 -19.62 -6.79
C GLN C 189 19.14 -20.99 -6.68
N TRP C 190 20.47 -21.06 -6.79
CA TRP C 190 21.17 -22.33 -6.61
C TRP C 190 21.01 -22.85 -5.19
N LEU C 191 21.15 -21.94 -4.21
CA LEU C 191 20.97 -22.32 -2.82
C LEU C 191 19.57 -22.89 -2.60
N ASP C 192 18.58 -22.33 -3.29
CA ASP C 192 17.23 -22.89 -3.23
C ASP C 192 17.22 -24.32 -3.76
N LYS C 193 17.89 -24.56 -4.89
CA LYS C 193 17.88 -25.89 -5.50
C LYS C 193 18.46 -26.93 -4.56
N VAL C 194 19.43 -26.55 -3.72
CA VAL C 194 19.99 -27.47 -2.74
C VAL C 194 19.10 -27.57 -1.51
N LEU C 195 18.59 -26.43 -1.03
CA LEU C 195 17.84 -26.41 0.22
C LEU C 195 16.56 -27.23 0.13
N THR C 196 15.85 -27.14 -1.00
CA THR C 196 14.59 -27.86 -1.15
C THR C 196 14.81 -29.38 -1.15
N GLN C 197 15.91 -29.84 -1.74
CA GLN C 197 16.13 -31.27 -1.89
C GLN C 197 16.65 -31.94 -0.62
N MET C 198 17.12 -31.16 0.35
CA MET C 198 17.59 -31.74 1.61
C MET C 198 16.43 -32.17 2.49
N SER D 4 -24.00 27.56 -11.48
CA SER D 4 -22.63 27.09 -11.41
C SER D 4 -21.72 28.11 -10.73
N LYS D 5 -22.02 29.39 -10.94
CA LYS D 5 -21.22 30.50 -10.42
C LYS D 5 -21.62 30.78 -8.98
N VAL D 6 -21.00 30.06 -8.05
CA VAL D 6 -21.31 30.17 -6.64
C VAL D 6 -20.00 30.15 -5.86
N TRP D 7 -20.03 30.75 -4.66
CA TRP D 7 -18.86 30.79 -3.79
C TRP D 7 -18.78 29.52 -2.96
N GLN D 8 -17.60 28.91 -2.92
CA GLN D 8 -17.38 27.62 -2.29
C GLN D 8 -16.23 27.71 -1.29
N GLY D 9 -16.29 28.68 -0.39
CA GLY D 9 -15.36 28.73 0.73
C GLY D 9 -14.01 29.30 0.36
N GLN D 10 -13.13 29.35 1.37
CA GLN D 10 -11.78 29.87 1.23
C GLN D 10 -10.79 28.72 1.07
N ALA D 11 -9.65 29.04 0.48
CA ALA D 11 -8.56 28.07 0.35
C ALA D 11 -7.66 28.02 1.58
N PHE D 12 -7.61 29.10 2.35
CA PHE D 12 -6.82 29.16 3.58
C PHE D 12 -7.26 30.37 4.38
N HIS D 13 -6.79 30.44 5.62
CA HIS D 13 -7.01 31.62 6.44
C HIS D 13 -5.97 32.67 6.09
N LEU D 14 -6.42 33.90 5.86
CA LEU D 14 -5.55 34.94 5.33
C LEU D 14 -4.66 35.50 6.43
N ASP D 15 -3.36 35.58 6.14
CA ASP D 15 -2.37 36.04 7.10
C ASP D 15 -1.03 36.33 6.41
N ARG D 16 0.05 36.27 7.20
CA ARG D 16 1.38 36.66 6.73
C ARG D 16 1.76 35.93 5.45
N ARG D 17 1.56 34.61 5.42
CA ARG D 17 2.05 33.71 4.39
C ARG D 17 1.34 33.85 3.04
N ASN D 18 0.32 34.69 2.89
CA ASN D 18 -0.37 34.77 1.61
C ASN D 18 -0.96 36.14 1.28
N SER D 19 -0.88 37.12 2.16
CA SER D 19 -1.49 38.41 1.92
C SER D 19 -0.52 39.51 2.35
N PRO D 20 -0.64 40.70 1.77
CA PRO D 20 0.14 41.84 2.23
C PRO D 20 -0.21 42.17 3.67
N PRO D 21 0.68 42.86 4.40
CA PRO D 21 0.39 43.12 5.82
C PRO D 21 -0.84 43.96 6.02
N ASN D 22 -0.99 45.06 5.27
CA ASN D 22 -2.19 45.88 5.36
C ASN D 22 -2.48 46.50 4.00
N SER D 23 -3.72 46.95 3.83
CA SER D 23 -4.17 47.47 2.55
C SER D 23 -3.42 48.74 2.19
N LEU D 24 -2.87 48.77 0.97
CA LEU D 24 -2.11 49.92 0.51
C LEU D 24 -2.91 50.89 -0.35
N THR D 25 -3.99 50.45 -0.97
CA THR D 25 -4.68 51.24 -1.97
C THR D 25 -6.16 50.92 -1.89
N PRO D 26 -7.05 51.89 -2.16
CA PRO D 26 -8.49 51.60 -2.15
C PRO D 26 -9.01 50.92 -3.41
N CYS D 27 -8.12 50.32 -4.20
CA CYS D 27 -8.48 49.63 -5.43
C CYS D 27 -7.95 48.20 -5.39
N LEU D 28 -8.72 47.28 -5.94
CA LEU D 28 -8.38 45.86 -5.93
C LEU D 28 -8.42 45.30 -7.34
N LYS D 29 -7.46 44.41 -7.64
CA LYS D 29 -7.47 43.64 -8.88
C LYS D 29 -7.78 42.19 -8.52
N ILE D 30 -8.84 41.65 -9.11
CA ILE D 30 -9.34 40.32 -8.78
C ILE D 30 -9.37 39.48 -10.04
N ARG D 31 -8.63 38.38 -10.05
CA ARG D 31 -8.50 37.53 -11.22
C ARG D 31 -9.15 36.18 -10.99
N ASN D 32 -9.39 35.47 -12.11
CA ASN D 32 -9.98 34.14 -12.14
C ASN D 32 -11.45 34.15 -11.70
N MET D 33 -12.16 35.24 -11.99
CA MET D 33 -13.58 35.33 -11.70
C MET D 33 -14.45 34.83 -12.83
N PHE D 34 -13.89 34.65 -14.02
CA PHE D 34 -14.65 34.22 -15.20
C PHE D 34 -13.64 33.76 -16.24
N ASP D 35 -14.16 33.26 -17.37
CA ASP D 35 -13.35 32.88 -18.51
C ASP D 35 -13.98 33.49 -19.76
N PRO D 36 -13.39 34.56 -20.30
CA PRO D 36 -14.06 35.31 -21.38
C PRO D 36 -14.24 34.52 -22.66
N VAL D 37 -13.44 33.48 -22.90
CA VAL D 37 -13.60 32.70 -24.13
C VAL D 37 -14.93 31.97 -24.13
N MET D 38 -15.46 31.63 -22.95
CA MET D 38 -16.69 30.86 -22.84
C MET D 38 -17.89 31.72 -22.45
N GLU D 39 -17.81 33.03 -22.61
CA GLU D 39 -18.93 33.92 -22.34
C GLU D 39 -19.52 34.44 -23.64
N ILE D 40 -20.83 34.64 -23.63
CA ILE D 40 -21.60 34.99 -24.82
C ILE D 40 -22.32 36.32 -24.56
N GLY D 41 -22.13 37.26 -25.48
CA GLY D 41 -22.88 38.51 -25.47
C GLY D 41 -22.28 39.55 -24.55
N ASP D 42 -23.13 40.47 -24.10
CA ASP D 42 -22.71 41.60 -23.28
C ASP D 42 -23.40 41.70 -21.93
N GLN D 43 -24.31 40.78 -21.61
CA GLN D 43 -25.04 40.81 -20.34
C GLN D 43 -24.34 40.06 -19.22
N TRP D 44 -23.44 39.13 -19.54
CA TRP D 44 -22.90 38.23 -18.52
C TRP D 44 -22.14 38.96 -17.43
N HIS D 45 -21.58 40.13 -17.73
CA HIS D 45 -20.76 40.84 -16.76
C HIS D 45 -21.54 41.21 -15.50
N LEU D 46 -22.87 41.40 -15.61
CA LEU D 46 -23.66 41.75 -14.44
C LEU D 46 -23.65 40.64 -13.39
N ALA D 47 -23.69 39.38 -13.83
CA ALA D 47 -23.69 38.27 -12.88
C ALA D 47 -22.40 38.24 -12.07
N ILE D 48 -21.26 38.54 -12.70
CA ILE D 48 -20.00 38.62 -11.97
C ILE D 48 -20.00 39.80 -11.01
N GLN D 49 -20.51 40.95 -11.46
CA GLN D 49 -20.60 42.12 -10.59
C GLN D 49 -21.44 41.83 -9.35
N GLU D 50 -22.59 41.15 -9.53
CA GLU D 50 -23.41 40.80 -8.39
C GLU D 50 -22.71 39.81 -7.47
N ALA D 51 -21.98 38.85 -8.06
CA ALA D 51 -21.25 37.88 -7.27
C ALA D 51 -20.22 38.54 -6.35
N ILE D 52 -19.56 39.58 -6.85
CA ILE D 52 -18.61 40.33 -6.00
C ILE D 52 -19.35 41.01 -4.87
N LEU D 53 -20.52 41.59 -5.16
CA LEU D 53 -21.24 42.35 -4.14
C LEU D 53 -21.88 41.45 -3.10
N GLU D 54 -22.29 40.23 -3.50
CA GLU D 54 -22.82 39.29 -2.52
C GLU D 54 -21.74 38.80 -1.57
N LYS D 55 -20.55 38.51 -2.09
CA LYS D 55 -19.45 38.10 -1.24
C LYS D 55 -18.98 39.22 -0.33
N CYS D 56 -19.19 40.46 -0.74
CA CYS D 56 -18.82 41.64 0.06
C CYS D 56 -20.05 42.42 0.51
N SER D 57 -21.11 41.69 0.90
CA SER D 57 -22.36 42.34 1.29
C SER D 57 -22.19 43.16 2.57
N ASP D 58 -21.29 42.71 3.46
CA ASP D 58 -21.04 43.44 4.69
C ASP D 58 -20.26 44.73 4.46
N ASN D 59 -19.51 44.82 3.37
CA ASN D 59 -18.70 45.99 3.08
C ASN D 59 -19.57 47.12 2.54
N ASP D 60 -19.31 48.34 3.03
CA ASP D 60 -20.05 49.52 2.61
C ASP D 60 -19.19 50.50 1.79
N GLY D 61 -18.05 50.07 1.29
CA GLY D 61 -17.14 50.99 0.62
C GLY D 61 -17.03 50.87 -0.88
N ILE D 62 -17.57 49.78 -1.44
CA ILE D 62 -17.44 49.54 -2.88
C ILE D 62 -18.34 50.51 -3.64
N VAL D 63 -17.74 51.26 -4.57
CA VAL D 63 -18.48 52.30 -5.29
C VAL D 63 -18.40 52.10 -6.80
N HIS D 64 -17.55 51.16 -7.25
CA HIS D 64 -17.44 50.87 -8.67
C HIS D 64 -16.74 49.54 -8.87
N ILE D 65 -17.30 48.68 -9.71
CA ILE D 65 -16.67 47.42 -10.11
C ILE D 65 -16.79 47.29 -11.62
N ALA D 66 -15.69 46.95 -12.27
CA ALA D 66 -15.66 46.76 -13.71
C ALA D 66 -14.91 45.47 -14.05
N VAL D 67 -15.46 44.69 -14.97
CA VAL D 67 -14.84 43.45 -15.41
C VAL D 67 -14.20 43.70 -16.77
N ASP D 68 -13.00 43.17 -16.95
CA ASP D 68 -12.26 43.31 -18.21
C ASP D 68 -12.68 42.15 -19.11
N LYS D 69 -13.60 42.43 -20.04
CA LYS D 69 -14.10 41.37 -20.91
C LYS D 69 -13.01 40.73 -21.75
N ASN D 70 -11.96 41.49 -22.09
CA ASN D 70 -10.86 40.95 -22.86
C ASN D 70 -9.81 40.25 -21.99
N SER D 71 -9.93 40.34 -20.67
CA SER D 71 -8.92 39.77 -19.77
C SER D 71 -8.93 38.26 -19.90
N ARG D 72 -7.89 37.71 -20.54
CA ARG D 72 -7.70 36.27 -20.65
C ARG D 72 -7.55 35.59 -19.29
N GLU D 73 -7.21 36.33 -18.25
CA GLU D 73 -7.15 35.78 -16.90
C GLU D 73 -8.43 35.95 -16.10
N GLY D 74 -9.47 36.56 -16.70
CA GLY D 74 -10.72 36.76 -16.00
C GLY D 74 -10.62 37.76 -14.86
N CYS D 75 -10.08 38.95 -15.15
CA CYS D 75 -9.79 39.94 -14.13
C CYS D 75 -10.98 40.87 -13.94
N VAL D 76 -11.28 41.17 -12.67
CA VAL D 76 -12.30 42.14 -12.29
C VAL D 76 -11.66 43.17 -11.36
N TYR D 77 -11.96 44.44 -11.59
CA TYR D 77 -11.37 45.54 -10.85
C TYR D 77 -12.43 46.19 -9.97
N VAL D 78 -12.04 46.55 -8.75
CA VAL D 78 -12.95 47.06 -7.74
C VAL D 78 -12.36 48.32 -7.13
N LYS D 79 -13.17 49.37 -7.08
CA LYS D 79 -12.79 50.63 -6.45
C LYS D 79 -13.61 50.84 -5.19
N CYS D 80 -12.93 51.11 -4.08
CA CYS D 80 -13.58 51.37 -2.81
C CYS D 80 -13.38 52.83 -2.40
N LEU D 81 -14.05 53.21 -1.31
CA LEU D 81 -13.93 54.58 -0.82
C LEU D 81 -12.59 54.81 -0.14
N SER D 82 -12.23 53.95 0.80
CA SER D 82 -11.03 54.07 1.59
C SER D 82 -10.22 52.78 1.51
N PRO D 83 -8.91 52.86 1.74
CA PRO D 83 -8.10 51.63 1.80
C PRO D 83 -8.59 50.64 2.85
N GLU D 84 -9.18 51.12 3.96
CA GLU D 84 -9.73 50.20 4.95
C GLU D 84 -10.90 49.41 4.38
N TYR D 85 -11.78 50.07 3.63
CA TYR D 85 -12.88 49.35 2.99
C TYR D 85 -12.36 48.41 1.89
N ALA D 86 -11.28 48.78 1.20
CA ALA D 86 -10.67 47.84 0.27
C ALA D 86 -9.99 46.69 1.01
N GLY D 87 -9.55 46.92 2.24
CA GLY D 87 -8.96 45.86 3.03
C GLY D 87 -10.00 44.84 3.47
N LYS D 88 -11.19 45.32 3.82
CA LYS D 88 -12.28 44.43 4.23
C LYS D 88 -12.89 43.69 3.04
N ALA D 89 -12.81 44.28 1.85
CA ALA D 89 -13.17 43.55 0.64
C ALA D 89 -12.10 42.53 0.26
N PHE D 90 -10.85 42.79 0.62
CA PHE D 90 -9.77 41.83 0.37
C PHE D 90 -9.99 40.53 1.13
N LYS D 91 -10.26 40.61 2.43
CA LYS D 91 -10.39 39.41 3.24
C LYS D 91 -11.56 38.54 2.83
N ALA D 92 -12.56 39.10 2.16
CA ALA D 92 -13.70 38.32 1.69
C ALA D 92 -13.51 37.75 0.30
N LEU D 93 -12.52 38.22 -0.45
CA LEU D 93 -12.32 37.81 -1.84
C LEU D 93 -11.03 37.03 -2.07
N HIS D 94 -9.93 37.43 -1.45
CA HIS D 94 -8.65 36.77 -1.68
C HIS D 94 -8.67 35.34 -1.17
N GLY D 95 -8.21 34.41 -1.99
CA GLY D 95 -8.15 33.01 -1.60
C GLY D 95 -9.50 32.31 -1.57
N SER D 96 -10.51 32.90 -2.18
CA SER D 96 -11.85 32.31 -2.21
C SER D 96 -12.06 31.55 -3.50
N TRP D 97 -12.96 30.56 -3.46
CA TRP D 97 -13.29 29.74 -4.61
C TRP D 97 -14.60 30.20 -5.23
N PHE D 98 -14.58 30.44 -6.53
CA PHE D 98 -15.77 30.89 -7.26
C PHE D 98 -15.79 30.18 -8.60
N ASP D 99 -16.91 29.48 -8.89
CA ASP D 99 -17.10 28.76 -10.14
C ASP D 99 -16.01 27.71 -10.35
N GLY D 100 -15.57 27.09 -9.26
CA GLY D 100 -14.56 26.05 -9.34
C GLY D 100 -13.15 26.55 -9.58
N LYS D 101 -12.93 27.86 -9.52
CA LYS D 101 -11.62 28.44 -9.75
C LYS D 101 -11.19 29.23 -8.53
N LEU D 102 -9.87 29.28 -8.32
CA LEU D 102 -9.30 29.96 -7.16
C LEU D 102 -9.10 31.45 -7.47
N VAL D 103 -9.62 32.30 -6.60
CA VAL D 103 -9.61 33.75 -6.79
C VAL D 103 -8.50 34.35 -5.95
N THR D 104 -7.62 35.13 -6.58
CA THR D 104 -6.55 35.84 -5.90
C THR D 104 -6.70 37.33 -6.17
N VAL D 105 -6.21 38.15 -5.24
CA VAL D 105 -6.42 39.59 -5.28
C VAL D 105 -5.08 40.31 -5.09
N LYS D 106 -4.86 41.34 -5.90
CA LYS D 106 -3.73 42.25 -5.76
C LYS D 106 -4.25 43.68 -5.65
N TYR D 107 -3.53 44.51 -4.92
CA TYR D 107 -3.88 45.92 -4.83
C TYR D 107 -3.38 46.66 -6.06
N LEU D 108 -4.16 47.64 -6.50
CA LEU D 108 -3.92 48.36 -7.74
C LEU D 108 -3.96 49.85 -7.48
N ARG D 109 -3.01 50.59 -8.05
CA ARG D 109 -2.95 52.04 -7.81
C ARG D 109 -4.23 52.72 -8.30
N LEU D 110 -4.57 53.83 -7.64
CA LEU D 110 -5.78 54.56 -7.99
C LEU D 110 -5.67 55.20 -9.36
N ASP D 111 -4.48 55.72 -9.70
CA ASP D 111 -4.30 56.34 -11.00
C ASP D 111 -4.46 55.33 -12.13
N ARG D 112 -3.91 54.13 -11.97
CA ARG D 112 -4.06 53.11 -13.00
C ARG D 112 -5.51 52.67 -13.15
N TYR D 113 -6.23 52.57 -12.04
CA TYR D 113 -7.65 52.26 -12.09
C TYR D 113 -8.42 53.34 -12.85
N HIS D 114 -8.15 54.61 -12.53
CA HIS D 114 -8.80 55.71 -13.23
C HIS D 114 -8.32 55.81 -14.67
N HIS D 115 -7.06 55.45 -14.95
CA HIS D 115 -6.58 55.46 -16.32
C HIS D 115 -7.25 54.38 -17.16
N ARG D 116 -7.51 53.23 -16.56
CA ARG D 116 -8.13 52.12 -17.29
C ARG D 116 -9.65 52.20 -17.28
N PHE D 117 -10.25 52.75 -16.24
CA PHE D 117 -11.70 52.90 -16.13
C PHE D 117 -12.03 54.31 -15.67
N PRO D 118 -12.04 55.27 -16.59
CA PRO D 118 -12.36 56.66 -16.20
C PRO D 118 -13.81 56.85 -15.77
N GLN D 119 -14.67 55.84 -15.94
CA GLN D 119 -16.03 55.92 -15.42
C GLN D 119 -16.06 55.97 -13.90
N ALA D 120 -14.98 55.51 -13.25
CA ALA D 120 -14.92 55.49 -11.79
C ALA D 120 -14.71 56.87 -11.19
N LEU D 121 -14.47 57.90 -12.02
CA LEU D 121 -14.19 59.23 -11.49
C LEU D 121 -15.40 59.76 -10.72
N THR D 122 -16.59 59.61 -11.30
CA THR D 122 -17.81 60.12 -10.70
C THR D 122 -18.57 59.01 -9.99
N SER D 123 -17.85 58.11 -9.32
CA SER D 123 -18.46 57.10 -8.48
C SER D 123 -17.93 57.27 -7.07
N ASN D 124 -18.80 57.70 -6.16
CA ASN D 124 -18.47 57.87 -4.75
C ASN D 124 -19.54 57.28 -3.85
N THR D 125 -20.65 56.80 -4.41
CA THR D 125 -21.79 56.22 -3.73
C THR D 125 -21.59 54.72 -3.56
N PRO D 126 -21.80 54.18 -2.36
CA PRO D 126 -21.57 52.74 -2.15
C PRO D 126 -22.58 51.90 -2.92
N LEU D 127 -22.08 50.80 -3.48
CA LEU D 127 -22.90 49.83 -4.18
C LEU D 127 -23.27 48.67 -3.25
N LYS D 128 -24.42 48.07 -3.52
CA LYS D 128 -24.95 46.98 -2.73
C LYS D 128 -25.59 45.95 -3.66
N PRO D 129 -25.70 44.70 -3.23
CA PRO D 129 -26.26 43.67 -4.12
C PRO D 129 -27.78 43.74 -4.18
N SER D 130 -28.31 43.50 -5.37
CA SER D 130 -29.76 43.47 -5.59
C SER D 130 -30.38 42.20 -5.01
N SER E 4 -4.75 -42.52 2.71
CA SER E 4 -4.53 -42.23 4.13
C SER E 4 -5.84 -41.78 4.80
N LYS E 5 -6.79 -42.70 4.90
CA LYS E 5 -8.12 -42.37 5.45
C LYS E 5 -8.03 -42.48 6.97
N VAL E 6 -7.55 -41.40 7.59
CA VAL E 6 -7.33 -41.32 9.03
C VAL E 6 -7.73 -39.95 9.52
N TRP E 7 -8.04 -39.87 10.81
CA TRP E 7 -8.40 -38.62 11.46
C TRP E 7 -7.13 -37.90 11.92
N GLN E 8 -7.02 -36.61 11.58
CA GLN E 8 -5.83 -35.81 11.90
C GLN E 8 -6.21 -34.55 12.65
N GLY E 9 -6.93 -34.70 13.75
CA GLY E 9 -7.18 -33.60 14.66
C GLY E 9 -8.33 -32.70 14.23
N GLN E 10 -8.56 -31.68 15.05
CA GLN E 10 -9.64 -30.73 14.87
C GLN E 10 -9.14 -29.45 14.22
N ALA E 11 -10.07 -28.74 13.56
CA ALA E 11 -9.79 -27.44 12.99
C ALA E 11 -9.98 -26.31 13.98
N PHE E 12 -10.79 -26.52 15.03
CA PHE E 12 -11.02 -25.50 16.05
C PHE E 12 -11.65 -26.17 17.26
N HIS E 13 -11.72 -25.42 18.35
CA HIS E 13 -12.43 -25.85 19.55
C HIS E 13 -13.93 -25.55 19.38
N LEU E 14 -14.76 -26.55 19.68
CA LEU E 14 -16.18 -26.46 19.39
C LEU E 14 -16.91 -25.62 20.43
N ASP E 15 -17.69 -24.65 19.96
CA ASP E 15 -18.50 -23.79 20.82
C ASP E 15 -19.48 -22.98 19.98
N ARG E 16 -20.00 -21.89 20.54
CA ARG E 16 -21.03 -21.10 19.84
C ARG E 16 -20.56 -20.62 18.48
N ARG E 17 -19.33 -20.11 18.39
CA ARG E 17 -18.90 -19.47 17.14
C ARG E 17 -18.76 -20.45 15.98
N ASN E 18 -18.96 -21.75 16.21
CA ASN E 18 -18.89 -22.72 15.13
C ASN E 18 -19.82 -23.90 15.31
N SER E 19 -20.56 -24.01 16.41
CA SER E 19 -21.42 -25.15 16.69
C SER E 19 -22.75 -24.65 17.29
N PRO E 20 -23.82 -25.43 17.14
CA PRO E 20 -25.08 -25.09 17.80
C PRO E 20 -24.95 -25.12 19.31
N PRO E 21 -25.81 -24.42 20.04
CA PRO E 21 -25.67 -24.39 21.51
C PRO E 21 -25.81 -25.74 22.17
N ASN E 22 -26.87 -26.46 21.85
CA ASN E 22 -27.14 -27.78 22.42
C ASN E 22 -27.88 -28.60 21.38
N SER E 23 -27.80 -29.92 21.51
CA SER E 23 -28.38 -30.82 20.52
C SER E 23 -29.91 -30.72 20.53
N LEU E 24 -30.48 -30.49 19.34
CA LEU E 24 -31.94 -30.45 19.19
C LEU E 24 -32.53 -31.72 18.60
N THR E 25 -31.73 -32.56 17.93
CA THR E 25 -32.25 -33.66 17.14
C THR E 25 -31.33 -34.87 17.20
N PRO E 26 -31.90 -36.09 17.20
CA PRO E 26 -31.05 -37.29 17.18
C PRO E 26 -30.57 -37.68 15.79
N CYS E 27 -30.62 -36.76 14.84
CA CYS E 27 -30.21 -37.03 13.46
C CYS E 27 -29.13 -36.04 13.04
N LEU E 28 -28.15 -36.55 12.30
CA LEU E 28 -27.00 -35.76 11.88
C LEU E 28 -26.77 -35.88 10.38
N LYS E 29 -26.35 -34.78 9.77
CA LYS E 29 -25.86 -34.75 8.40
C LYS E 29 -24.35 -34.53 8.43
N ILE E 30 -23.60 -35.44 7.82
CA ILE E 30 -22.14 -35.41 7.85
C ILE E 30 -21.64 -35.37 6.42
N ARG E 31 -20.95 -34.29 6.07
CA ARG E 31 -20.47 -34.06 4.72
C ARG E 31 -18.95 -34.05 4.68
N ASN E 32 -18.42 -34.17 3.45
CA ASN E 32 -16.98 -34.12 3.18
C ASN E 32 -16.25 -35.34 3.74
N MET E 33 -16.91 -36.50 3.77
CA MET E 33 -16.30 -37.72 4.26
C MET E 33 -15.57 -38.52 3.19
N PHE E 34 -15.80 -38.24 1.91
CA PHE E 34 -15.20 -39.01 0.83
C PHE E 34 -15.35 -38.25 -0.48
N ASP E 35 -14.77 -38.81 -1.53
CA ASP E 35 -14.89 -38.29 -2.89
C ASP E 35 -15.23 -39.47 -3.80
N PRO E 36 -16.48 -39.58 -4.27
CA PRO E 36 -16.88 -40.79 -5.00
C PRO E 36 -16.13 -41.00 -6.29
N VAL E 37 -15.55 -39.95 -6.87
CA VAL E 37 -14.79 -40.10 -8.11
C VAL E 37 -13.53 -40.94 -7.89
N MET E 38 -12.97 -40.90 -6.69
CA MET E 38 -11.73 -41.60 -6.38
C MET E 38 -11.95 -42.87 -5.57
N GLU E 39 -13.19 -43.37 -5.52
CA GLU E 39 -13.52 -44.59 -4.82
C GLU E 39 -13.78 -45.72 -5.82
N ILE E 40 -13.49 -46.95 -5.41
CA ILE E 40 -13.55 -48.11 -6.29
C ILE E 40 -14.59 -49.08 -5.75
N GLY E 41 -15.56 -49.45 -6.59
CA GLY E 41 -16.46 -50.53 -6.26
C GLY E 41 -17.59 -50.12 -5.33
N ASP E 42 -18.08 -51.10 -4.58
CA ASP E 42 -19.17 -50.92 -3.64
C ASP E 42 -18.78 -51.26 -2.22
N GLN E 43 -17.53 -51.67 -1.99
CA GLN E 43 -17.07 -52.06 -0.67
C GLN E 43 -16.55 -50.88 0.15
N TRP E 44 -16.14 -49.79 -0.50
CA TRP E 44 -15.52 -48.69 0.23
C TRP E 44 -16.49 -48.03 1.21
N HIS E 45 -17.80 -48.06 0.92
CA HIS E 45 -18.75 -47.35 1.77
C HIS E 45 -18.74 -47.89 3.19
N LEU E 46 -18.42 -49.18 3.37
CA LEU E 46 -18.32 -49.74 4.71
C LEU E 46 -17.16 -49.11 5.48
N ALA E 47 -16.04 -48.86 4.80
CA ALA E 47 -14.89 -48.26 5.45
C ALA E 47 -15.21 -46.87 6.00
N ILE E 48 -15.99 -46.09 5.26
CA ILE E 48 -16.44 -44.80 5.78
C ILE E 48 -17.37 -44.99 6.97
N GLN E 49 -18.28 -45.97 6.88
CA GLN E 49 -19.12 -46.30 8.03
C GLN E 49 -18.28 -46.71 9.22
N GLU E 50 -17.25 -47.52 8.99
CA GLU E 50 -16.36 -47.90 10.08
C GLU E 50 -15.58 -46.70 10.61
N ALA E 51 -15.14 -45.81 9.71
CA ALA E 51 -14.42 -44.61 10.14
C ALA E 51 -15.28 -43.76 11.07
N ILE E 52 -16.58 -43.65 10.76
CA ILE E 52 -17.48 -42.90 11.63
C ILE E 52 -17.60 -43.57 13.00
N LEU E 53 -17.70 -44.91 13.01
CA LEU E 53 -17.95 -45.61 14.26
C LEU E 53 -16.73 -45.66 15.17
N GLU E 54 -15.53 -45.73 14.60
CA GLU E 54 -14.32 -45.70 15.44
C GLU E 54 -14.14 -44.32 16.07
N LYS E 55 -14.42 -43.26 15.31
CA LYS E 55 -14.31 -41.91 15.87
C LYS E 55 -15.30 -41.69 17.00
N CYS E 56 -16.41 -42.42 16.99
CA CYS E 56 -17.42 -42.37 18.04
C CYS E 56 -17.51 -43.70 18.80
N SER E 57 -16.34 -44.31 19.08
CA SER E 57 -16.32 -45.64 19.68
C SER E 57 -16.88 -45.64 21.10
N ASP E 58 -16.72 -44.55 21.84
CA ASP E 58 -17.29 -44.47 23.18
C ASP E 58 -18.81 -44.35 23.15
N ASN E 59 -19.37 -43.88 22.05
CA ASN E 59 -20.82 -43.69 21.96
C ASN E 59 -21.53 -45.02 21.78
N ASP E 60 -22.62 -45.21 22.53
CA ASP E 60 -23.44 -46.40 22.45
C ASP E 60 -24.83 -46.10 21.89
N GLY E 61 -25.03 -44.95 21.28
CA GLY E 61 -26.35 -44.53 20.85
C GLY E 61 -26.57 -44.57 19.35
N ILE E 62 -25.49 -44.71 18.57
CA ILE E 62 -25.60 -44.67 17.12
C ILE E 62 -26.24 -45.98 16.65
N VAL E 63 -27.35 -45.87 15.92
CA VAL E 63 -28.14 -47.03 15.53
C VAL E 63 -28.37 -47.11 14.03
N HIS E 64 -27.92 -46.13 13.25
CA HIS E 64 -28.14 -46.17 11.81
C HIS E 64 -27.14 -45.26 11.12
N ILE E 65 -26.48 -45.79 10.08
CA ILE E 65 -25.59 -45.01 9.23
C ILE E 65 -25.91 -45.33 7.78
N ALA E 66 -26.07 -44.29 6.97
CA ALA E 66 -26.23 -44.45 5.53
C ALA E 66 -25.36 -43.41 4.85
N VAL E 67 -24.55 -43.86 3.89
CA VAL E 67 -23.67 -42.97 3.13
C VAL E 67 -24.27 -42.83 1.74
N ASP E 68 -24.27 -41.61 1.21
CA ASP E 68 -24.80 -41.34 -0.12
C ASP E 68 -23.66 -41.56 -1.11
N LYS E 69 -23.65 -42.74 -1.74
CA LYS E 69 -22.59 -43.07 -2.69
C LYS E 69 -22.55 -42.09 -3.85
N ASN E 70 -23.70 -41.52 -4.21
CA ASN E 70 -23.75 -40.56 -5.31
C ASN E 70 -23.39 -39.15 -4.88
N SER E 71 -23.33 -38.88 -3.58
CA SER E 71 -23.05 -37.53 -3.07
C SER E 71 -21.61 -37.16 -3.36
N ARG E 72 -21.40 -36.30 -4.36
CA ARG E 72 -20.07 -35.75 -4.55
C ARG E 72 -19.67 -34.89 -3.36
N GLU E 73 -20.62 -34.58 -2.48
CA GLU E 73 -20.41 -33.78 -1.29
C GLU E 73 -19.91 -34.61 -0.11
N GLY E 74 -19.76 -35.93 -0.29
CA GLY E 74 -19.27 -36.80 0.76
C GLY E 74 -20.23 -36.89 1.93
N CYS E 75 -21.51 -37.16 1.65
CA CYS E 75 -22.54 -37.08 2.67
C CYS E 75 -22.74 -38.43 3.35
N VAL E 76 -22.82 -38.41 4.68
CA VAL E 76 -23.17 -39.57 5.48
C VAL E 76 -24.28 -39.16 6.44
N TYR E 77 -25.30 -40.01 6.57
CA TYR E 77 -26.45 -39.71 7.41
C TYR E 77 -26.46 -40.68 8.59
N VAL E 78 -26.72 -40.14 9.78
CA VAL E 78 -26.65 -40.90 11.01
C VAL E 78 -27.86 -40.60 11.88
N LYS E 79 -28.55 -41.65 12.33
CA LYS E 79 -29.64 -41.54 13.28
C LYS E 79 -29.23 -42.21 14.58
N CYS E 80 -29.39 -41.51 15.70
CA CYS E 80 -29.06 -42.01 17.02
C CYS E 80 -30.33 -42.25 17.82
N LEU E 81 -30.17 -42.79 19.02
CA LEU E 81 -31.32 -43.08 19.87
C LEU E 81 -31.93 -41.81 20.43
N SER E 82 -31.12 -40.94 21.01
CA SER E 82 -31.55 -39.71 21.63
C SER E 82 -30.78 -38.54 21.04
N PRO E 83 -31.36 -37.33 21.09
CA PRO E 83 -30.59 -36.15 20.65
C PRO E 83 -29.29 -35.95 21.42
N GLU E 84 -29.26 -36.37 22.68
CA GLU E 84 -28.03 -36.25 23.47
C GLU E 84 -26.95 -37.18 22.94
N TYR E 85 -27.31 -38.40 22.54
CA TYR E 85 -26.33 -39.31 21.94
C TYR E 85 -25.84 -38.77 20.61
N ALA E 86 -26.71 -38.08 19.86
CA ALA E 86 -26.28 -37.38 18.66
C ALA E 86 -25.40 -36.19 18.99
N GLY E 87 -25.54 -35.63 20.20
CA GLY E 87 -24.69 -34.51 20.58
C GLY E 87 -23.24 -34.90 20.76
N LYS E 88 -22.99 -36.07 21.37
CA LYS E 88 -21.62 -36.53 21.53
C LYS E 88 -21.04 -37.07 20.23
N ALA E 89 -21.90 -37.55 19.33
CA ALA E 89 -21.42 -37.87 17.98
C ALA E 89 -21.13 -36.60 17.20
N PHE E 90 -21.85 -35.52 17.50
CA PHE E 90 -21.58 -34.23 16.88
C PHE E 90 -20.19 -33.73 17.27
N LYS E 91 -19.89 -33.72 18.58
CA LYS E 91 -18.64 -33.16 19.07
C LYS E 91 -17.42 -33.97 18.62
N ALA E 92 -17.59 -35.22 18.25
CA ALA E 92 -16.48 -36.04 17.76
C ALA E 92 -16.31 -35.95 16.25
N LEU E 93 -17.28 -35.41 15.53
CA LEU E 93 -17.27 -35.36 14.08
C LEU E 93 -17.17 -33.95 13.51
N HIS E 94 -17.89 -32.99 14.09
CA HIS E 94 -17.90 -31.64 13.55
C HIS E 94 -16.54 -30.98 13.72
N GLY E 95 -16.05 -30.37 12.64
CA GLY E 95 -14.77 -29.69 12.66
C GLY E 95 -13.55 -30.58 12.70
N SER E 96 -13.69 -31.87 12.43
CA SER E 96 -12.58 -32.81 12.44
C SER E 96 -12.07 -33.03 11.02
N TRP E 97 -10.80 -33.41 10.92
CA TRP E 97 -10.15 -33.67 9.65
C TRP E 97 -10.08 -35.18 9.41
N PHE E 98 -10.55 -35.60 8.24
CA PHE E 98 -10.53 -37.02 7.86
C PHE E 98 -10.15 -37.13 6.39
N ASP E 99 -9.09 -37.89 6.11
CA ASP E 99 -8.61 -38.14 4.76
C ASP E 99 -8.28 -36.83 4.04
N GLY E 100 -7.73 -35.87 4.78
CA GLY E 100 -7.35 -34.59 4.23
C GLY E 100 -8.48 -33.62 3.99
N LYS E 101 -9.70 -33.94 4.41
CA LYS E 101 -10.84 -33.04 4.24
C LYS E 101 -11.43 -32.69 5.60
N LEU E 102 -11.99 -31.49 5.69
CA LEU E 102 -12.60 -31.00 6.92
C LEU E 102 -14.05 -31.45 6.98
N VAL E 103 -14.44 -32.08 8.09
CA VAL E 103 -15.75 -32.68 8.25
C VAL E 103 -16.64 -31.74 9.07
N THR E 104 -17.81 -31.43 8.54
CA THR E 104 -18.80 -30.61 9.22
C THR E 104 -20.09 -31.41 9.36
N VAL E 105 -20.89 -31.07 10.38
CA VAL E 105 -22.08 -31.82 10.72
C VAL E 105 -23.26 -30.87 10.84
N LYS E 106 -24.40 -31.27 10.28
CA LYS E 106 -25.65 -30.52 10.38
C LYS E 106 -26.75 -31.41 10.95
N TYR E 107 -27.64 -30.80 11.72
CA TYR E 107 -28.82 -31.49 12.23
C TYR E 107 -29.94 -31.51 11.19
N LEU E 108 -30.73 -32.59 11.21
CA LEU E 108 -31.75 -32.81 10.20
C LEU E 108 -33.12 -33.09 10.83
N ALA E 120 -36.13 -48.04 6.01
CA ALA E 120 -35.83 -48.58 7.33
C ALA E 120 -35.88 -47.49 8.38
N LEU E 121 -37.09 -47.04 8.70
CA LEU E 121 -37.25 -45.90 9.60
C LEU E 121 -36.78 -46.20 11.02
N THR E 122 -37.28 -47.29 11.61
CA THR E 122 -37.05 -47.58 13.03
C THR E 122 -36.01 -48.67 13.23
N SER E 123 -34.84 -48.28 13.75
CA SER E 123 -33.78 -49.16 14.19
C SER E 123 -33.44 -48.85 15.64
N ASN E 124 -33.26 -49.89 16.46
CA ASN E 124 -33.02 -49.70 17.88
C ASN E 124 -31.73 -50.36 18.39
N THR E 125 -31.04 -51.14 17.58
CA THR E 125 -29.81 -51.75 18.10
C THR E 125 -28.61 -50.85 17.81
N PRO E 126 -27.78 -50.56 18.80
CA PRO E 126 -26.63 -49.68 18.57
C PRO E 126 -25.59 -50.33 17.67
N LEU E 127 -24.98 -49.51 16.82
CA LEU E 127 -23.87 -49.96 15.98
C LEU E 127 -22.55 -49.65 16.67
N LYS E 128 -21.54 -50.47 16.41
CA LYS E 128 -20.26 -50.37 17.07
C LYS E 128 -19.15 -50.65 16.07
N PRO E 129 -17.93 -50.18 16.34
CA PRO E 129 -16.84 -50.42 15.38
C PRO E 129 -16.28 -51.83 15.49
N SER E 130 -15.92 -52.39 14.35
CA SER E 130 -15.34 -53.72 14.29
C SER E 130 -13.92 -53.74 14.83
#